data_1KSB
# 
_entry.id   1KSB 
# 
_audit_conform.dict_name       mmcif_pdbx.dic 
_audit_conform.dict_version    5.391 
_audit_conform.dict_location   http://mmcif.pdb.org/dictionaries/ascii/mmcif_pdbx.dic 
# 
loop_
_database_2.database_id 
_database_2.database_code 
_database_2.pdbx_database_accession 
_database_2.pdbx_DOI 
PDB   1KSB         pdb_00001ksb 10.2210/pdb1ksb/pdb 
RCSB  RCSB015290   ?            ?                   
WWPDB D_1000015290 ?            ?                   
# 
loop_
_pdbx_audit_revision_history.ordinal 
_pdbx_audit_revision_history.data_content_type 
_pdbx_audit_revision_history.major_revision 
_pdbx_audit_revision_history.minor_revision 
_pdbx_audit_revision_history.revision_date 
1 'Structure model' 1 0 2002-01-17 
2 'Structure model' 1 1 2008-04-27 
3 'Structure model' 1 2 2011-07-13 
4 'Structure model' 1 3 2024-05-01 
# 
_pdbx_audit_revision_details.ordinal             1 
_pdbx_audit_revision_details.revision_ordinal    1 
_pdbx_audit_revision_details.data_content_type   'Structure model' 
_pdbx_audit_revision_details.provider            repository 
_pdbx_audit_revision_details.type                'Initial release' 
_pdbx_audit_revision_details.description         ? 
_pdbx_audit_revision_details.details             ? 
# 
loop_
_pdbx_audit_revision_group.ordinal 
_pdbx_audit_revision_group.revision_ordinal 
_pdbx_audit_revision_group.data_content_type 
_pdbx_audit_revision_group.group 
1 2 'Structure model' 'Version format compliance' 
2 3 'Structure model' 'Non-polymer description'   
3 3 'Structure model' 'Version format compliance' 
4 4 'Structure model' 'Data collection'           
5 4 'Structure model' 'Database references'       
6 4 'Structure model' 'Derived calculations'      
# 
loop_
_pdbx_audit_revision_category.ordinal 
_pdbx_audit_revision_category.revision_ordinal 
_pdbx_audit_revision_category.data_content_type 
_pdbx_audit_revision_category.category 
1 4 'Structure model' chem_comp_atom    
2 4 'Structure model' chem_comp_bond    
3 4 'Structure model' database_2        
4 4 'Structure model' pdbx_nmr_software 
5 4 'Structure model' struct_conn       
6 4 'Structure model' struct_site       
# 
loop_
_pdbx_audit_revision_item.ordinal 
_pdbx_audit_revision_item.revision_ordinal 
_pdbx_audit_revision_item.data_content_type 
_pdbx_audit_revision_item.item 
1  4 'Structure model' '_database_2.pdbx_DOI'                
2  4 'Structure model' '_database_2.pdbx_database_accession' 
3  4 'Structure model' '_pdbx_nmr_software.name'             
4  4 'Structure model' '_struct_conn.ptnr1_auth_comp_id'     
5  4 'Structure model' '_struct_conn.ptnr1_auth_seq_id'      
6  4 'Structure model' '_struct_conn.ptnr1_label_asym_id'    
7  4 'Structure model' '_struct_conn.ptnr1_label_atom_id'    
8  4 'Structure model' '_struct_conn.ptnr1_label_comp_id'    
9  4 'Structure model' '_struct_conn.ptnr1_label_seq_id'     
10 4 'Structure model' '_struct_conn.ptnr2_auth_comp_id'     
11 4 'Structure model' '_struct_conn.ptnr2_auth_seq_id'      
12 4 'Structure model' '_struct_conn.ptnr2_label_asym_id'    
13 4 'Structure model' '_struct_conn.ptnr2_label_atom_id'    
14 4 'Structure model' '_struct_conn.ptnr2_label_comp_id'    
15 4 'Structure model' '_struct_conn.ptnr2_label_seq_id'     
16 4 'Structure model' '_struct_site.pdbx_auth_asym_id'      
17 4 'Structure model' '_struct_site.pdbx_auth_comp_id'      
18 4 'Structure model' '_struct_site.pdbx_auth_seq_id'       
# 
_pdbx_database_status.status_code                     REL 
_pdbx_database_status.entry_id                        1KSB 
_pdbx_database_status.recvd_initial_deposition_date   2002-01-11 
_pdbx_database_status.deposit_site                    RCSB 
_pdbx_database_status.process_site                    RCSB 
_pdbx_database_status.SG_entry                        . 
_pdbx_database_status.status_code_sf                  ? 
_pdbx_database_status.status_code_mr                  ? 
_pdbx_database_status.pdb_format_compatible           Y 
_pdbx_database_status.status_code_cs                  ? 
_pdbx_database_status.status_code_nmr_data            ? 
_pdbx_database_status.methods_development_category    ? 
# 
loop_
_pdbx_database_related.db_name 
_pdbx_database_related.db_id 
_pdbx_database_related.details 
_pdbx_database_related.content_type 
PDB 1CKT 'Crystal Structure Of HMG1 Domain A Bound To A Cisplatin-Modified DNA Duplex' unspecified 
PDB 1A84 
;NMR Solution Structure Of a DNA Dodecamer Duplex Containing a Cis-Diammineplatinum(II) d(GpG) Intrastrand Cross-Link, the Major Adduct Of the Anticancer Drug Cisplatin
;
unspecified 
# 
loop_
_audit_author.name 
_audit_author.pdbx_ordinal 
'Marzilli, L.G.' 1 
'Saad, J.S.'     2 
'Kuklenyik, Z.'  3 
'Keating, K.A.'  4 
'Xu, Y.'         5 
# 
_citation.id                        primary 
_citation.title                     
;Relationship of solution and protein-bound structures of DNA duplexes with the major intrastrand cross-link lesions formed on cisplatin binding to DNA.
;
_citation.journal_abbrev            J.Am.Chem.Soc. 
_citation.journal_volume            123 
_citation.page_first                2764 
_citation.page_last                 2770 
_citation.year                      2001 
_citation.journal_id_ASTM           JACSAT 
_citation.country                   US 
_citation.journal_id_ISSN           0002-7863 
_citation.journal_id_CSD            0004 
_citation.book_publisher            ? 
_citation.pdbx_database_id_PubMed   11456962 
_citation.pdbx_database_id_DOI      10.1021/ja0007915 
# 
loop_
_citation_author.citation_id 
_citation_author.name 
_citation_author.ordinal 
_citation_author.identifier_ORCID 
primary 'Marzilli, L.G.' 1 ? 
primary 'Saad, J.S.'     2 ? 
primary 'Kuklenyik, Z.'  3 ? 
primary 'Keating, K.A.'  4 ? 
primary 'Xu, Y.'         5 ? 
# 
loop_
_entity.id 
_entity.type 
_entity.src_method 
_entity.pdbx_description 
_entity.formula_weight 
_entity.pdbx_number_of_molecules 
_entity.pdbx_ec 
_entity.pdbx_mutation 
_entity.pdbx_fragment 
_entity.details 
1 polymer     syn "5'-D(*CP*TP*CP*CP*GP*GP*CP*CP*T)-3'" 2667.749 1 ? ? ? 'Cisplatin intrastrand cross-link DNA' 
2 polymer     syn "5'-D(*AP*GP*GP*CP*CP*GP*GP*AP*G)-3'" 2805.849 1 ? ? ? ?                                      
3 non-polymer syn Cisplatin                             300.045  1 ? ? ? ?                                      
# 
loop_
_entity_poly.entity_id 
_entity_poly.type 
_entity_poly.nstd_linkage 
_entity_poly.nstd_monomer 
_entity_poly.pdbx_seq_one_letter_code 
_entity_poly.pdbx_seq_one_letter_code_can 
_entity_poly.pdbx_strand_id 
_entity_poly.pdbx_target_identifier 
1 polydeoxyribonucleotide no no '(DC)(DT)(DC)(DC)(DG)(DG)(DC)(DC)(DT)' CTCCGGCCT A ? 
2 polydeoxyribonucleotide no no '(DA)(DG)(DG)(DC)(DC)(DG)(DG)(DA)(DG)' AGGCCGGAG B ? 
# 
_pdbx_entity_nonpoly.entity_id   3 
_pdbx_entity_nonpoly.name        Cisplatin 
_pdbx_entity_nonpoly.comp_id     CPT 
# 
loop_
_entity_poly_seq.entity_id 
_entity_poly_seq.num 
_entity_poly_seq.mon_id 
_entity_poly_seq.hetero 
1 1 DC n 
1 2 DT n 
1 3 DC n 
1 4 DC n 
1 5 DG n 
1 6 DG n 
1 7 DC n 
1 8 DC n 
1 9 DT n 
2 1 DA n 
2 2 DG n 
2 3 DG n 
2 4 DC n 
2 5 DC n 
2 6 DG n 
2 7 DG n 
2 8 DA n 
2 9 DG n 
# 
loop_
_chem_comp.id 
_chem_comp.type 
_chem_comp.mon_nstd_flag 
_chem_comp.name 
_chem_comp.pdbx_synonyms 
_chem_comp.formula 
_chem_comp.formula_weight 
CPT non-polymer   . Cisplatin                            'diammine(dichloro)platinum' 'Cl2 H6 N2 Pt'    300.045 
DA  'DNA linking' y "2'-DEOXYADENOSINE-5'-MONOPHOSPHATE" ?                            'C10 H14 N5 O6 P' 331.222 
DC  'DNA linking' y "2'-DEOXYCYTIDINE-5'-MONOPHOSPHATE"  ?                            'C9 H14 N3 O7 P'  307.197 
DG  'DNA linking' y "2'-DEOXYGUANOSINE-5'-MONOPHOSPHATE" ?                            'C10 H14 N5 O7 P' 347.221 
DT  'DNA linking' y "THYMIDINE-5'-MONOPHOSPHATE"         ?                            'C10 H15 N2 O8 P' 322.208 
# 
loop_
_pdbx_poly_seq_scheme.asym_id 
_pdbx_poly_seq_scheme.entity_id 
_pdbx_poly_seq_scheme.seq_id 
_pdbx_poly_seq_scheme.mon_id 
_pdbx_poly_seq_scheme.ndb_seq_num 
_pdbx_poly_seq_scheme.pdb_seq_num 
_pdbx_poly_seq_scheme.auth_seq_num 
_pdbx_poly_seq_scheme.pdb_mon_id 
_pdbx_poly_seq_scheme.auth_mon_id 
_pdbx_poly_seq_scheme.pdb_strand_id 
_pdbx_poly_seq_scheme.pdb_ins_code 
_pdbx_poly_seq_scheme.hetero 
A 1 1 DC 1 1 1 DC C     A . n 
A 1 2 DT 2 2 2 DT T     A . n 
A 1 3 DC 3 3 3 DC C     A . n 
A 1 4 DC 4 4 4 DC C     A . n 
A 1 5 DG 5 5 5 DG G     A . n 
A 1 6 DG 6 6 6 DG G     A . n 
A 1 7 DC 7 7 7 DC C     A . n 
A 1 8 DC 8 8 8 DC C     A . n 
A 1 9 DT 9 9 9 DT "T3'" A . n 
B 2 1 DA 1 1 1 DA A     B . n 
B 2 2 DG 2 2 2 DG G     B . n 
B 2 3 DG 3 3 3 DG G     B . n 
B 2 4 DC 4 4 4 DC C     B . n 
B 2 5 DC 5 5 5 DC C     B . n 
B 2 6 DG 6 6 6 DG G     B . n 
B 2 7 DG 7 7 7 DG G     B . n 
B 2 8 DA 8 8 8 DA A     B . n 
B 2 9 DG 9 9 9 DG "G3'" B . n 
# 
_pdbx_nonpoly_scheme.asym_id         C 
_pdbx_nonpoly_scheme.entity_id       3 
_pdbx_nonpoly_scheme.mon_id          CPT 
_pdbx_nonpoly_scheme.ndb_seq_num     1 
_pdbx_nonpoly_scheme.pdb_seq_num     10 
_pdbx_nonpoly_scheme.auth_seq_num    4 
_pdbx_nonpoly_scheme.pdb_mon_id      CPT 
_pdbx_nonpoly_scheme.auth_mon_id     PT 
_pdbx_nonpoly_scheme.pdb_strand_id   A 
_pdbx_nonpoly_scheme.pdb_ins_code    . 
# 
_exptl.entry_id          1KSB 
_exptl.method            'SOLUTION NMR' 
_exptl.crystals_number   ? 
# 
_exptl_crystal.id                    1 
_exptl_crystal.density_meas          ? 
_exptl_crystal.density_Matthews      ? 
_exptl_crystal.density_percent_sol   ? 
_exptl_crystal.description           ? 
# 
_diffrn.id                     1 
_diffrn.crystal_id             1 
_diffrn.ambient_temp           ? 
_diffrn.ambient_temp_details   ? 
# 
_diffrn_radiation.diffrn_id                        1 
_diffrn_radiation.wavelength_id                    1 
_diffrn_radiation.pdbx_monochromatic_or_laue_m_l   M 
_diffrn_radiation.monochromator                    ? 
_diffrn_radiation.pdbx_diffrn_protocol             'SINGLE WAVELENGTH' 
_diffrn_radiation.pdbx_scattering_type             x-ray 
# 
_diffrn_radiation_wavelength.id           1 
_diffrn_radiation_wavelength.wavelength   . 
_diffrn_radiation_wavelength.wt           1.0 
# 
_struct.entry_id                  1KSB 
_struct.title                     
;Relationship of Solution and Protein-Bound Structures of DNA Duplexes with the Major Intrastrand Cross-Link Lesions Formed on Cisplatin Binding to DNA
;
_struct.pdbx_model_details        ? 
_struct.pdbx_CASP_flag            ? 
_struct.pdbx_model_type_details   ? 
# 
_struct_keywords.entry_id        1KSB 
_struct_keywords.pdbx_keywords   DNA 
_struct_keywords.text            'Deoxyribonucleic acid, Cisplatin, DNA, Duplex, 9-mer, Intrastrand cross-link, model J' 
# 
loop_
_struct_asym.id 
_struct_asym.pdbx_blank_PDB_chainid_flag 
_struct_asym.pdbx_modified 
_struct_asym.entity_id 
_struct_asym.details 
A N N 1 ? 
B N N 2 ? 
C N N 3 ? 
# 
loop_
_struct_ref.id 
_struct_ref.entity_id 
_struct_ref.db_name 
_struct_ref.db_code 
_struct_ref.pdbx_db_accession 
_struct_ref.pdbx_db_isoform 
_struct_ref.pdbx_seq_one_letter_code 
_struct_ref.pdbx_align_begin 
1 1 PDB 1KSB 1KSB ? ? ? 
2 2 PDB 1KSB 1KSB ? ? ? 
# 
loop_
_struct_ref_seq.align_id 
_struct_ref_seq.ref_id 
_struct_ref_seq.pdbx_PDB_id_code 
_struct_ref_seq.pdbx_strand_id 
_struct_ref_seq.seq_align_beg 
_struct_ref_seq.pdbx_seq_align_beg_ins_code 
_struct_ref_seq.seq_align_end 
_struct_ref_seq.pdbx_seq_align_end_ins_code 
_struct_ref_seq.pdbx_db_accession 
_struct_ref_seq.db_align_beg 
_struct_ref_seq.pdbx_db_align_beg_ins_code 
_struct_ref_seq.db_align_end 
_struct_ref_seq.pdbx_db_align_end_ins_code 
_struct_ref_seq.pdbx_auth_seq_align_beg 
_struct_ref_seq.pdbx_auth_seq_align_end 
1 1 1KSB A 1 ? 9 ? 1KSB 1 ? 9 ? 1 9 
2 2 1KSB B 1 ? 9 ? 1KSB 1 ? 9 ? 1 9 
# 
_pdbx_struct_assembly.id                   1 
_pdbx_struct_assembly.details              author_defined_assembly 
_pdbx_struct_assembly.method_details       ? 
_pdbx_struct_assembly.oligomeric_details   dimeric 
_pdbx_struct_assembly.oligomeric_count     2 
# 
_pdbx_struct_assembly_gen.assembly_id       1 
_pdbx_struct_assembly_gen.oper_expression   1 
_pdbx_struct_assembly_gen.asym_id_list      A,B,C 
# 
_pdbx_struct_oper_list.id                   1 
_pdbx_struct_oper_list.type                 'identity operation' 
_pdbx_struct_oper_list.name                 1_555 
_pdbx_struct_oper_list.symmetry_operation   x,y,z 
_pdbx_struct_oper_list.matrix[1][1]         1.0000000000 
_pdbx_struct_oper_list.matrix[1][2]         0.0000000000 
_pdbx_struct_oper_list.matrix[1][3]         0.0000000000 
_pdbx_struct_oper_list.vector[1]            0.0000000000 
_pdbx_struct_oper_list.matrix[2][1]         0.0000000000 
_pdbx_struct_oper_list.matrix[2][2]         1.0000000000 
_pdbx_struct_oper_list.matrix[2][3]         0.0000000000 
_pdbx_struct_oper_list.vector[2]            0.0000000000 
_pdbx_struct_oper_list.matrix[3][1]         0.0000000000 
_pdbx_struct_oper_list.matrix[3][2]         0.0000000000 
_pdbx_struct_oper_list.matrix[3][3]         1.0000000000 
_pdbx_struct_oper_list.vector[3]            0.0000000000 
# 
_struct_biol.id   1 
# 
loop_
_struct_conn.id 
_struct_conn.conn_type_id 
_struct_conn.pdbx_leaving_atom_flag 
_struct_conn.pdbx_PDB_id 
_struct_conn.ptnr1_label_asym_id 
_struct_conn.ptnr1_label_comp_id 
_struct_conn.ptnr1_label_seq_id 
_struct_conn.ptnr1_label_atom_id 
_struct_conn.pdbx_ptnr1_label_alt_id 
_struct_conn.pdbx_ptnr1_PDB_ins_code 
_struct_conn.pdbx_ptnr1_standard_comp_id 
_struct_conn.ptnr1_symmetry 
_struct_conn.ptnr2_label_asym_id 
_struct_conn.ptnr2_label_comp_id 
_struct_conn.ptnr2_label_seq_id 
_struct_conn.ptnr2_label_atom_id 
_struct_conn.pdbx_ptnr2_label_alt_id 
_struct_conn.pdbx_ptnr2_PDB_ins_code 
_struct_conn.ptnr1_auth_asym_id 
_struct_conn.ptnr1_auth_comp_id 
_struct_conn.ptnr1_auth_seq_id 
_struct_conn.ptnr2_auth_asym_id 
_struct_conn.ptnr2_auth_comp_id 
_struct_conn.ptnr2_auth_seq_id 
_struct_conn.ptnr2_symmetry 
_struct_conn.pdbx_ptnr3_label_atom_id 
_struct_conn.pdbx_ptnr3_label_seq_id 
_struct_conn.pdbx_ptnr3_label_comp_id 
_struct_conn.pdbx_ptnr3_label_asym_id 
_struct_conn.pdbx_ptnr3_label_alt_id 
_struct_conn.pdbx_ptnr3_PDB_ins_code 
_struct_conn.details 
_struct_conn.pdbx_dist_value 
_struct_conn.pdbx_value_order 
_struct_conn.pdbx_role 
metalc1  metalc ? ? A DG 5 N7 ? ? ? 1_555 C CPT . PT1 ? ? A DG 5 A CPT 10 1_555 ? ? ? ? ? ? ?            2.007 ? ? 
metalc2  metalc ? ? A DG 6 N7 ? ? ? 1_555 C CPT . PT1 ? ? A DG 6 A CPT 10 1_555 ? ? ? ? ? ? ?            2.012 ? ? 
hydrog1  hydrog ? ? A DC 1 N3 ? ? ? 1_555 B DG  9 N1  ? ? A DC 1 B DG  9  1_555 ? ? ? ? ? ? WATSON-CRICK ?     ? ? 
hydrog2  hydrog ? ? A DC 1 N4 ? ? ? 1_555 B DG  9 O6  ? ? A DC 1 B DG  9  1_555 ? ? ? ? ? ? WATSON-CRICK ?     ? ? 
hydrog3  hydrog ? ? A DC 1 O2 ? ? ? 1_555 B DG  9 N2  ? ? A DC 1 B DG  9  1_555 ? ? ? ? ? ? WATSON-CRICK ?     ? ? 
hydrog4  hydrog ? ? A DT 2 N3 ? ? ? 1_555 B DA  8 N1  ? ? A DT 2 B DA  8  1_555 ? ? ? ? ? ? WATSON-CRICK ?     ? ? 
hydrog5  hydrog ? ? A DT 2 O4 ? ? ? 1_555 B DA  8 N6  ? ? A DT 2 B DA  8  1_555 ? ? ? ? ? ? WATSON-CRICK ?     ? ? 
hydrog6  hydrog ? ? A DC 3 N3 ? ? ? 1_555 B DG  7 N1  ? ? A DC 3 B DG  7  1_555 ? ? ? ? ? ? WATSON-CRICK ?     ? ? 
hydrog7  hydrog ? ? A DC 3 N4 ? ? ? 1_555 B DG  7 O6  ? ? A DC 3 B DG  7  1_555 ? ? ? ? ? ? WATSON-CRICK ?     ? ? 
hydrog8  hydrog ? ? A DC 3 O2 ? ? ? 1_555 B DG  7 N2  ? ? A DC 3 B DG  7  1_555 ? ? ? ? ? ? WATSON-CRICK ?     ? ? 
hydrog9  hydrog ? ? A DC 4 N3 ? ? ? 1_555 B DG  6 N1  ? ? A DC 4 B DG  6  1_555 ? ? ? ? ? ? WATSON-CRICK ?     ? ? 
hydrog10 hydrog ? ? A DC 4 N4 ? ? ? 1_555 B DG  6 O6  ? ? A DC 4 B DG  6  1_555 ? ? ? ? ? ? WATSON-CRICK ?     ? ? 
hydrog11 hydrog ? ? A DC 4 O2 ? ? ? 1_555 B DG  6 N2  ? ? A DC 4 B DG  6  1_555 ? ? ? ? ? ? WATSON-CRICK ?     ? ? 
hydrog12 hydrog ? ? A DG 5 N1 ? ? ? 1_555 B DC  5 N3  ? ? A DG 5 B DC  5  1_555 ? ? ? ? ? ? WATSON-CRICK ?     ? ? 
hydrog13 hydrog ? ? A DG 5 N2 ? ? ? 1_555 B DC  5 O2  ? ? A DG 5 B DC  5  1_555 ? ? ? ? ? ? WATSON-CRICK ?     ? ? 
hydrog14 hydrog ? ? A DG 5 O6 ? ? ? 1_555 B DC  5 N4  ? ? A DG 5 B DC  5  1_555 ? ? ? ? ? ? WATSON-CRICK ?     ? ? 
hydrog15 hydrog ? ? A DG 6 N1 ? ? ? 1_555 B DC  4 N3  ? ? A DG 6 B DC  4  1_555 ? ? ? ? ? ? WATSON-CRICK ?     ? ? 
hydrog16 hydrog ? ? A DG 6 N2 ? ? ? 1_555 B DC  4 O2  ? ? A DG 6 B DC  4  1_555 ? ? ? ? ? ? WATSON-CRICK ?     ? ? 
hydrog17 hydrog ? ? A DG 6 O6 ? ? ? 1_555 B DC  4 N4  ? ? A DG 6 B DC  4  1_555 ? ? ? ? ? ? WATSON-CRICK ?     ? ? 
hydrog18 hydrog ? ? A DC 7 N3 ? ? ? 1_555 B DG  3 N1  ? ? A DC 7 B DG  3  1_555 ? ? ? ? ? ? WATSON-CRICK ?     ? ? 
hydrog19 hydrog ? ? A DC 7 N4 ? ? ? 1_555 B DG  3 O6  ? ? A DC 7 B DG  3  1_555 ? ? ? ? ? ? WATSON-CRICK ?     ? ? 
hydrog20 hydrog ? ? A DC 7 O2 ? ? ? 1_555 B DG  3 N2  ? ? A DC 7 B DG  3  1_555 ? ? ? ? ? ? WATSON-CRICK ?     ? ? 
hydrog21 hydrog ? ? A DC 8 N3 ? ? ? 1_555 B DG  2 N1  ? ? A DC 8 B DG  2  1_555 ? ? ? ? ? ? WATSON-CRICK ?     ? ? 
hydrog22 hydrog ? ? A DC 8 N4 ? ? ? 1_555 B DG  2 O6  ? ? A DC 8 B DG  2  1_555 ? ? ? ? ? ? WATSON-CRICK ?     ? ? 
hydrog23 hydrog ? ? A DC 8 O2 ? ? ? 1_555 B DG  2 N2  ? ? A DC 8 B DG  2  1_555 ? ? ? ? ? ? WATSON-CRICK ?     ? ? 
hydrog24 hydrog ? ? A DT 9 N3 ? ? ? 1_555 B DA  1 N1  ? ? A DT 9 B DA  1  1_555 ? ? ? ? ? ? WATSON-CRICK ?     ? ? 
hydrog25 hydrog ? ? A DT 9 O4 ? ? ? 1_555 B DA  1 N6  ? ? A DT 9 B DA  1  1_555 ? ? ? ? ? ? WATSON-CRICK ?     ? ? 
# 
loop_
_struct_conn_type.id 
_struct_conn_type.criteria 
_struct_conn_type.reference 
metalc ? ? 
hydrog ? ? 
# 
loop_
_pdbx_struct_conn_angle.id 
_pdbx_struct_conn_angle.ptnr1_label_atom_id 
_pdbx_struct_conn_angle.ptnr1_label_alt_id 
_pdbx_struct_conn_angle.ptnr1_label_asym_id 
_pdbx_struct_conn_angle.ptnr1_label_comp_id 
_pdbx_struct_conn_angle.ptnr1_label_seq_id 
_pdbx_struct_conn_angle.ptnr1_auth_atom_id 
_pdbx_struct_conn_angle.ptnr1_auth_asym_id 
_pdbx_struct_conn_angle.ptnr1_auth_comp_id 
_pdbx_struct_conn_angle.ptnr1_auth_seq_id 
_pdbx_struct_conn_angle.ptnr1_PDB_ins_code 
_pdbx_struct_conn_angle.ptnr1_symmetry 
_pdbx_struct_conn_angle.ptnr2_label_atom_id 
_pdbx_struct_conn_angle.ptnr2_label_alt_id 
_pdbx_struct_conn_angle.ptnr2_label_asym_id 
_pdbx_struct_conn_angle.ptnr2_label_comp_id 
_pdbx_struct_conn_angle.ptnr2_label_seq_id 
_pdbx_struct_conn_angle.ptnr2_auth_atom_id 
_pdbx_struct_conn_angle.ptnr2_auth_asym_id 
_pdbx_struct_conn_angle.ptnr2_auth_comp_id 
_pdbx_struct_conn_angle.ptnr2_auth_seq_id 
_pdbx_struct_conn_angle.ptnr2_PDB_ins_code 
_pdbx_struct_conn_angle.ptnr2_symmetry 
_pdbx_struct_conn_angle.ptnr3_label_atom_id 
_pdbx_struct_conn_angle.ptnr3_label_alt_id 
_pdbx_struct_conn_angle.ptnr3_label_asym_id 
_pdbx_struct_conn_angle.ptnr3_label_comp_id 
_pdbx_struct_conn_angle.ptnr3_label_seq_id 
_pdbx_struct_conn_angle.ptnr3_auth_atom_id 
_pdbx_struct_conn_angle.ptnr3_auth_asym_id 
_pdbx_struct_conn_angle.ptnr3_auth_comp_id 
_pdbx_struct_conn_angle.ptnr3_auth_seq_id 
_pdbx_struct_conn_angle.ptnr3_PDB_ins_code 
_pdbx_struct_conn_angle.ptnr3_symmetry 
_pdbx_struct_conn_angle.value 
_pdbx_struct_conn_angle.value_esd 
1 N7 ? A DG  5 ? A DG  5  ? 1_555 PT1 ? C CPT . ? A CPT 10 ? 1_555 N1 ? C CPT . ? A CPT 10 ? 1_555 178.5 ? 
2 N7 ? A DG  5 ? A DG  5  ? 1_555 PT1 ? C CPT . ? A CPT 10 ? 1_555 N2 ? C CPT . ? A CPT 10 ? 1_555 90.4  ? 
3 N1 ? C CPT . ? A CPT 10 ? 1_555 PT1 ? C CPT . ? A CPT 10 ? 1_555 N2 ? C CPT . ? A CPT 10 ? 1_555 90.4  ? 
4 N7 ? A DG  5 ? A DG  5  ? 1_555 PT1 ? C CPT . ? A CPT 10 ? 1_555 N7 ? A DG  6 ? A DG  6  ? 1_555 88.6  ? 
5 N1 ? C CPT . ? A CPT 10 ? 1_555 PT1 ? C CPT . ? A CPT 10 ? 1_555 N7 ? A DG  6 ? A DG  6  ? 1_555 90.5  ? 
6 N2 ? C CPT . ? A CPT 10 ? 1_555 PT1 ? C CPT . ? A CPT 10 ? 1_555 N7 ? A DG  6 ? A DG  6  ? 1_555 178.2 ? 
# 
_struct_site.id                   AC1 
_struct_site.pdbx_evidence_code   Software 
_struct_site.pdbx_auth_asym_id    A 
_struct_site.pdbx_auth_comp_id    CPT 
_struct_site.pdbx_auth_seq_id     10 
_struct_site.pdbx_auth_ins_code   ? 
_struct_site.pdbx_num_residues    2 
_struct_site.details              'BINDING SITE FOR RESIDUE CPT A 10' 
# 
loop_
_struct_site_gen.id 
_struct_site_gen.site_id 
_struct_site_gen.pdbx_num_res 
_struct_site_gen.label_comp_id 
_struct_site_gen.label_asym_id 
_struct_site_gen.label_seq_id 
_struct_site_gen.pdbx_auth_ins_code 
_struct_site_gen.auth_comp_id 
_struct_site_gen.auth_asym_id 
_struct_site_gen.auth_seq_id 
_struct_site_gen.label_atom_id 
_struct_site_gen.label_alt_id 
_struct_site_gen.symmetry 
_struct_site_gen.details 
1 AC1 2 DG A 5 ? DG A 5 . ? 1_555 ? 
2 AC1 2 DG A 6 ? DG A 6 . ? 1_555 ? 
# 
loop_
_pdbx_validate_rmsd_bond.id 
_pdbx_validate_rmsd_bond.PDB_model_num 
_pdbx_validate_rmsd_bond.auth_atom_id_1 
_pdbx_validate_rmsd_bond.auth_asym_id_1 
_pdbx_validate_rmsd_bond.auth_comp_id_1 
_pdbx_validate_rmsd_bond.auth_seq_id_1 
_pdbx_validate_rmsd_bond.PDB_ins_code_1 
_pdbx_validate_rmsd_bond.label_alt_id_1 
_pdbx_validate_rmsd_bond.auth_atom_id_2 
_pdbx_validate_rmsd_bond.auth_asym_id_2 
_pdbx_validate_rmsd_bond.auth_comp_id_2 
_pdbx_validate_rmsd_bond.auth_seq_id_2 
_pdbx_validate_rmsd_bond.PDB_ins_code_2 
_pdbx_validate_rmsd_bond.label_alt_id_2 
_pdbx_validate_rmsd_bond.bond_value 
_pdbx_validate_rmsd_bond.bond_target_value 
_pdbx_validate_rmsd_bond.bond_deviation 
_pdbx_validate_rmsd_bond.bond_standard_deviation 
_pdbx_validate_rmsd_bond.linker_flag 
1 1 "C5'" B DC 4 ? ? "C4'" B DC 4 ? ? 1.558 1.512 0.046  0.007 N 
2 1 "O3'" B DC 4 ? ? "C3'" B DC 4 ? ? 1.309 1.419 -0.110 0.006 N 
3 1 "O3'" B DC 5 ? ? "C3'" B DC 5 ? ? 1.369 1.419 -0.050 0.006 N 
# 
loop_
_pdbx_validate_rmsd_angle.id 
_pdbx_validate_rmsd_angle.PDB_model_num 
_pdbx_validate_rmsd_angle.auth_atom_id_1 
_pdbx_validate_rmsd_angle.auth_asym_id_1 
_pdbx_validate_rmsd_angle.auth_comp_id_1 
_pdbx_validate_rmsd_angle.auth_seq_id_1 
_pdbx_validate_rmsd_angle.PDB_ins_code_1 
_pdbx_validate_rmsd_angle.label_alt_id_1 
_pdbx_validate_rmsd_angle.auth_atom_id_2 
_pdbx_validate_rmsd_angle.auth_asym_id_2 
_pdbx_validate_rmsd_angle.auth_comp_id_2 
_pdbx_validate_rmsd_angle.auth_seq_id_2 
_pdbx_validate_rmsd_angle.PDB_ins_code_2 
_pdbx_validate_rmsd_angle.label_alt_id_2 
_pdbx_validate_rmsd_angle.auth_atom_id_3 
_pdbx_validate_rmsd_angle.auth_asym_id_3 
_pdbx_validate_rmsd_angle.auth_comp_id_3 
_pdbx_validate_rmsd_angle.auth_seq_id_3 
_pdbx_validate_rmsd_angle.PDB_ins_code_3 
_pdbx_validate_rmsd_angle.label_alt_id_3 
_pdbx_validate_rmsd_angle.angle_value 
_pdbx_validate_rmsd_angle.angle_target_value 
_pdbx_validate_rmsd_angle.angle_deviation 
_pdbx_validate_rmsd_angle.angle_standard_deviation 
_pdbx_validate_rmsd_angle.linker_flag 
1  1 "O4'" A DC 1 ? ? "C1'" A DC 1 ? ? N1    A DC 1 ? ? 111.30 108.30 3.00  0.30 N 
2  1 "O4'" A DT 2 ? ? "C4'" A DT 2 ? ? "C3'" A DT 2 ? ? 109.77 106.00 3.77  0.60 N 
3  1 "O4'" A DC 4 ? ? "C1'" A DC 4 ? ? N1    A DC 4 ? ? 103.44 108.00 -4.56 0.70 N 
4  1 "O4'" A DG 5 ? ? "C1'" A DG 5 ? ? "C2'" A DG 5 ? ? 113.32 106.80 6.52  0.50 N 
5  1 "O4'" A DG 5 ? ? "C1'" A DG 5 ? ? N9    A DG 5 ? ? 111.89 108.30 3.59  0.30 N 
6  1 "O4'" B DG 2 ? ? "C4'" B DG 2 ? ? "C3'" B DG 2 ? ? 109.95 106.00 3.95  0.60 N 
7  1 "O4'" B DG 2 ? ? "C1'" B DG 2 ? ? N9    B DG 2 ? ? 115.72 108.30 7.42  0.30 N 
8  1 "O4'" B DG 3 ? ? "C4'" B DG 3 ? ? "C3'" B DG 3 ? ? 110.11 106.00 4.11  0.60 N 
9  1 "C3'" B DG 3 ? ? "C2'" B DG 3 ? ? "C1'" B DG 3 ? ? 111.97 102.50 9.47  1.20 N 
10 1 "O4'" B DG 3 ? ? "C1'" B DG 3 ? ? N9    B DG 3 ? ? 115.19 108.30 6.89  0.30 N 
11 1 N3    B DG 3 ? ? C4    B DG 3 ? ? C5    B DG 3 ? ? 125.38 128.60 -3.22 0.50 N 
12 1 "O4'" B DC 5 ? ? "C1'" B DC 5 ? ? "C2'" B DC 5 ? ? 110.06 106.80 3.26  0.50 N 
13 1 "O4'" B DA 8 ? ? "C4'" B DA 8 ? ? "C3'" B DA 8 ? ? 109.88 106.00 3.88  0.60 N 
14 1 "O4'" B DA 8 ? ? "C1'" B DA 8 ? ? N9    B DA 8 ? ? 110.14 108.30 1.84  0.30 N 
15 1 "O4'" B DG 9 ? ? "C1'" B DG 9 ? ? N9    B DG 9 ? ? 110.62 108.30 2.32  0.30 N 
# 
loop_
_pdbx_validate_planes.id 
_pdbx_validate_planes.PDB_model_num 
_pdbx_validate_planes.auth_comp_id 
_pdbx_validate_planes.auth_asym_id 
_pdbx_validate_planes.auth_seq_id 
_pdbx_validate_planes.PDB_ins_code 
_pdbx_validate_planes.label_alt_id 
_pdbx_validate_planes.rmsd 
_pdbx_validate_planes.type 
1 1 DC A 1 ? ? 0.069 'SIDE CHAIN' 
2 1 DG B 2 ? ? 0.107 'SIDE CHAIN' 
3 1 DG B 3 ? ? 0.109 'SIDE CHAIN' 
4 1 DC B 4 ? ? 0.086 'SIDE CHAIN' 
5 1 DG B 6 ? ? 0.068 'SIDE CHAIN' 
# 
_pdbx_nmr_ensemble.entry_id                                      1KSB 
_pdbx_nmr_ensemble.conformers_calculated_total_number            ? 
_pdbx_nmr_ensemble.conformers_submitted_total_number             1 
_pdbx_nmr_ensemble.conformer_selection_criteria                  ? 
_pdbx_nmr_ensemble.average_constraints_per_residue               ? 
_pdbx_nmr_ensemble.average_constraint_violations_per_residue     ? 
_pdbx_nmr_ensemble.maximum_distance_constraint_violation         ? 
_pdbx_nmr_ensemble.average_distance_constraint_violation         ? 
_pdbx_nmr_ensemble.maximum_upper_distance_constraint_violation   ? 
_pdbx_nmr_ensemble.maximum_lower_distance_constraint_violation   ? 
_pdbx_nmr_ensemble.distance_constraint_violation_method          ? 
_pdbx_nmr_ensemble.maximum_torsion_angle_constraint_violation    ? 
_pdbx_nmr_ensemble.average_torsion_angle_constraint_violation    ? 
_pdbx_nmr_ensemble.torsion_angle_constraint_violation_method     ? 
# 
_pdbx_nmr_sample_details.solution_id      1 
_pdbx_nmr_sample_details.contents         'Platinated 9-mer duplex dissolved in D2O/H2O' 
_pdbx_nmr_sample_details.solvent_system   'D2O or (90% H2O, 10% D2O)' 
# 
_pdbx_nmr_exptl_sample_conditions.conditions_id       1 
_pdbx_nmr_exptl_sample_conditions.temperature         278 
_pdbx_nmr_exptl_sample_conditions.pressure            1 
_pdbx_nmr_exptl_sample_conditions.pH                  7.0 
_pdbx_nmr_exptl_sample_conditions.ionic_strength      ? 
_pdbx_nmr_exptl_sample_conditions.pressure_units      atm 
_pdbx_nmr_exptl_sample_conditions.temperature_units   K 
# 
loop_
_pdbx_nmr_exptl.experiment_id 
_pdbx_nmr_exptl.solution_id 
_pdbx_nmr_exptl.conditions_id 
_pdbx_nmr_exptl.type 
1 1 1 '2D NOESY' 
2 1 1 DQF-COSY   
# 
_pdbx_nmr_details.entry_id   1KSB 
_pdbx_nmr_details.text       
'2D 1H-31P phase-sensitive Reverse Chemical Shift Correlation (RCSC) and 1H-13C magnitude mode HMQC experiments were performed.' 
# 
_pdbx_nmr_refine.entry_id           1KSB 
_pdbx_nmr_refine.method             AMBER 
_pdbx_nmr_refine.details            
;NOE-Restrained refinement  
(details can be found in the paper)
;
_pdbx_nmr_refine.software_ordinal   1 
# 
loop_
_pdbx_nmr_software.name 
_pdbx_nmr_software.version 
_pdbx_nmr_software.classification 
_pdbx_nmr_software.authors 
_pdbx_nmr_software.ordinal 
Felix        97.0 processing           ?          1 
Discover     ?    refinement           Biosym/MSI 2 
'Insight II' ?    'structure solution' ?          3 
Curves       ?    'data analysis'      ?          4 
IRMA         ?    refinement           Biosym/MSI 5 
# 
loop_
_chem_comp_atom.comp_id 
_chem_comp_atom.atom_id 
_chem_comp_atom.type_symbol 
_chem_comp_atom.pdbx_aromatic_flag 
_chem_comp_atom.pdbx_stereo_config 
_chem_comp_atom.pdbx_ordinal 
CPT PT1    PT N N 1   
CPT N1     N  N N 2   
CPT N2     N  N N 3   
CPT H11    H  N N 4   
CPT H12    H  N N 5   
CPT H21    H  N N 6   
CPT H22    H  N N 7   
CPT CL2    CL N N 8   
CPT CL1    CL N N 9   
CPT H13    H  N N 10  
CPT H23    H  N N 11  
DA  OP3    O  N N 12  
DA  P      P  N N 13  
DA  OP1    O  N N 14  
DA  OP2    O  N N 15  
DA  "O5'"  O  N N 16  
DA  "C5'"  C  N N 17  
DA  "C4'"  C  N R 18  
DA  "O4'"  O  N N 19  
DA  "C3'"  C  N S 20  
DA  "O3'"  O  N N 21  
DA  "C2'"  C  N N 22  
DA  "C1'"  C  N R 23  
DA  N9     N  Y N 24  
DA  C8     C  Y N 25  
DA  N7     N  Y N 26  
DA  C5     C  Y N 27  
DA  C6     C  Y N 28  
DA  N6     N  N N 29  
DA  N1     N  Y N 30  
DA  C2     C  Y N 31  
DA  N3     N  Y N 32  
DA  C4     C  Y N 33  
DA  HOP3   H  N N 34  
DA  HOP2   H  N N 35  
DA  "H5'"  H  N N 36  
DA  "H5''" H  N N 37  
DA  "H4'"  H  N N 38  
DA  "H3'"  H  N N 39  
DA  "HO3'" H  N N 40  
DA  "H2'"  H  N N 41  
DA  "H2''" H  N N 42  
DA  "H1'"  H  N N 43  
DA  H8     H  N N 44  
DA  H61    H  N N 45  
DA  H62    H  N N 46  
DA  H2     H  N N 47  
DC  OP3    O  N N 48  
DC  P      P  N N 49  
DC  OP1    O  N N 50  
DC  OP2    O  N N 51  
DC  "O5'"  O  N N 52  
DC  "C5'"  C  N N 53  
DC  "C4'"  C  N R 54  
DC  "O4'"  O  N N 55  
DC  "C3'"  C  N S 56  
DC  "O3'"  O  N N 57  
DC  "C2'"  C  N N 58  
DC  "C1'"  C  N R 59  
DC  N1     N  N N 60  
DC  C2     C  N N 61  
DC  O2     O  N N 62  
DC  N3     N  N N 63  
DC  C4     C  N N 64  
DC  N4     N  N N 65  
DC  C5     C  N N 66  
DC  C6     C  N N 67  
DC  HOP3   H  N N 68  
DC  HOP2   H  N N 69  
DC  "H5'"  H  N N 70  
DC  "H5''" H  N N 71  
DC  "H4'"  H  N N 72  
DC  "H3'"  H  N N 73  
DC  "HO3'" H  N N 74  
DC  "H2'"  H  N N 75  
DC  "H2''" H  N N 76  
DC  "H1'"  H  N N 77  
DC  H41    H  N N 78  
DC  H42    H  N N 79  
DC  H5     H  N N 80  
DC  H6     H  N N 81  
DG  OP3    O  N N 82  
DG  P      P  N N 83  
DG  OP1    O  N N 84  
DG  OP2    O  N N 85  
DG  "O5'"  O  N N 86  
DG  "C5'"  C  N N 87  
DG  "C4'"  C  N R 88  
DG  "O4'"  O  N N 89  
DG  "C3'"  C  N S 90  
DG  "O3'"  O  N N 91  
DG  "C2'"  C  N N 92  
DG  "C1'"  C  N R 93  
DG  N9     N  Y N 94  
DG  C8     C  Y N 95  
DG  N7     N  Y N 96  
DG  C5     C  Y N 97  
DG  C6     C  N N 98  
DG  O6     O  N N 99  
DG  N1     N  N N 100 
DG  C2     C  N N 101 
DG  N2     N  N N 102 
DG  N3     N  N N 103 
DG  C4     C  Y N 104 
DG  HOP3   H  N N 105 
DG  HOP2   H  N N 106 
DG  "H5'"  H  N N 107 
DG  "H5''" H  N N 108 
DG  "H4'"  H  N N 109 
DG  "H3'"  H  N N 110 
DG  "HO3'" H  N N 111 
DG  "H2'"  H  N N 112 
DG  "H2''" H  N N 113 
DG  "H1'"  H  N N 114 
DG  H8     H  N N 115 
DG  H1     H  N N 116 
DG  H21    H  N N 117 
DG  H22    H  N N 118 
DT  OP3    O  N N 119 
DT  P      P  N N 120 
DT  OP1    O  N N 121 
DT  OP2    O  N N 122 
DT  "O5'"  O  N N 123 
DT  "C5'"  C  N N 124 
DT  "C4'"  C  N R 125 
DT  "O4'"  O  N N 126 
DT  "C3'"  C  N S 127 
DT  "O3'"  O  N N 128 
DT  "C2'"  C  N N 129 
DT  "C1'"  C  N R 130 
DT  N1     N  N N 131 
DT  C2     C  N N 132 
DT  O2     O  N N 133 
DT  N3     N  N N 134 
DT  C4     C  N N 135 
DT  O4     O  N N 136 
DT  C5     C  N N 137 
DT  C7     C  N N 138 
DT  C6     C  N N 139 
DT  HOP3   H  N N 140 
DT  HOP2   H  N N 141 
DT  "H5'"  H  N N 142 
DT  "H5''" H  N N 143 
DT  "H4'"  H  N N 144 
DT  "H3'"  H  N N 145 
DT  "HO3'" H  N N 146 
DT  "H2'"  H  N N 147 
DT  "H2''" H  N N 148 
DT  "H1'"  H  N N 149 
DT  H3     H  N N 150 
DT  H71    H  N N 151 
DT  H72    H  N N 152 
DT  H73    H  N N 153 
DT  H6     H  N N 154 
# 
loop_
_chem_comp_bond.comp_id 
_chem_comp_bond.atom_id_1 
_chem_comp_bond.atom_id_2 
_chem_comp_bond.value_order 
_chem_comp_bond.pdbx_aromatic_flag 
_chem_comp_bond.pdbx_stereo_config 
_chem_comp_bond.pdbx_ordinal 
CPT PT1   N1     sing N N 1   
CPT PT1   N2     sing N N 2   
CPT N1    H11    sing N N 3   
CPT N1    H12    sing N N 4   
CPT N1    H13    sing N N 5   
CPT N2    H21    sing N N 6   
CPT N2    H22    sing N N 7   
CPT N2    H23    sing N N 8   
CPT CL2   PT1    sing N N 9   
CPT CL1   PT1    sing N N 10  
DA  OP3   P      sing N N 11  
DA  OP3   HOP3   sing N N 12  
DA  P     OP1    doub N N 13  
DA  P     OP2    sing N N 14  
DA  P     "O5'"  sing N N 15  
DA  OP2   HOP2   sing N N 16  
DA  "O5'" "C5'"  sing N N 17  
DA  "C5'" "C4'"  sing N N 18  
DA  "C5'" "H5'"  sing N N 19  
DA  "C5'" "H5''" sing N N 20  
DA  "C4'" "O4'"  sing N N 21  
DA  "C4'" "C3'"  sing N N 22  
DA  "C4'" "H4'"  sing N N 23  
DA  "O4'" "C1'"  sing N N 24  
DA  "C3'" "O3'"  sing N N 25  
DA  "C3'" "C2'"  sing N N 26  
DA  "C3'" "H3'"  sing N N 27  
DA  "O3'" "HO3'" sing N N 28  
DA  "C2'" "C1'"  sing N N 29  
DA  "C2'" "H2'"  sing N N 30  
DA  "C2'" "H2''" sing N N 31  
DA  "C1'" N9     sing N N 32  
DA  "C1'" "H1'"  sing N N 33  
DA  N9    C8     sing Y N 34  
DA  N9    C4     sing Y N 35  
DA  C8    N7     doub Y N 36  
DA  C8    H8     sing N N 37  
DA  N7    C5     sing Y N 38  
DA  C5    C6     sing Y N 39  
DA  C5    C4     doub Y N 40  
DA  C6    N6     sing N N 41  
DA  C6    N1     doub Y N 42  
DA  N6    H61    sing N N 43  
DA  N6    H62    sing N N 44  
DA  N1    C2     sing Y N 45  
DA  C2    N3     doub Y N 46  
DA  C2    H2     sing N N 47  
DA  N3    C4     sing Y N 48  
DC  OP3   P      sing N N 49  
DC  OP3   HOP3   sing N N 50  
DC  P     OP1    doub N N 51  
DC  P     OP2    sing N N 52  
DC  P     "O5'"  sing N N 53  
DC  OP2   HOP2   sing N N 54  
DC  "O5'" "C5'"  sing N N 55  
DC  "C5'" "C4'"  sing N N 56  
DC  "C5'" "H5'"  sing N N 57  
DC  "C5'" "H5''" sing N N 58  
DC  "C4'" "O4'"  sing N N 59  
DC  "C4'" "C3'"  sing N N 60  
DC  "C4'" "H4'"  sing N N 61  
DC  "O4'" "C1'"  sing N N 62  
DC  "C3'" "O3'"  sing N N 63  
DC  "C3'" "C2'"  sing N N 64  
DC  "C3'" "H3'"  sing N N 65  
DC  "O3'" "HO3'" sing N N 66  
DC  "C2'" "C1'"  sing N N 67  
DC  "C2'" "H2'"  sing N N 68  
DC  "C2'" "H2''" sing N N 69  
DC  "C1'" N1     sing N N 70  
DC  "C1'" "H1'"  sing N N 71  
DC  N1    C2     sing N N 72  
DC  N1    C6     sing N N 73  
DC  C2    O2     doub N N 74  
DC  C2    N3     sing N N 75  
DC  N3    C4     doub N N 76  
DC  C4    N4     sing N N 77  
DC  C4    C5     sing N N 78  
DC  N4    H41    sing N N 79  
DC  N4    H42    sing N N 80  
DC  C5    C6     doub N N 81  
DC  C5    H5     sing N N 82  
DC  C6    H6     sing N N 83  
DG  OP3   P      sing N N 84  
DG  OP3   HOP3   sing N N 85  
DG  P     OP1    doub N N 86  
DG  P     OP2    sing N N 87  
DG  P     "O5'"  sing N N 88  
DG  OP2   HOP2   sing N N 89  
DG  "O5'" "C5'"  sing N N 90  
DG  "C5'" "C4'"  sing N N 91  
DG  "C5'" "H5'"  sing N N 92  
DG  "C5'" "H5''" sing N N 93  
DG  "C4'" "O4'"  sing N N 94  
DG  "C4'" "C3'"  sing N N 95  
DG  "C4'" "H4'"  sing N N 96  
DG  "O4'" "C1'"  sing N N 97  
DG  "C3'" "O3'"  sing N N 98  
DG  "C3'" "C2'"  sing N N 99  
DG  "C3'" "H3'"  sing N N 100 
DG  "O3'" "HO3'" sing N N 101 
DG  "C2'" "C1'"  sing N N 102 
DG  "C2'" "H2'"  sing N N 103 
DG  "C2'" "H2''" sing N N 104 
DG  "C1'" N9     sing N N 105 
DG  "C1'" "H1'"  sing N N 106 
DG  N9    C8     sing Y N 107 
DG  N9    C4     sing Y N 108 
DG  C8    N7     doub Y N 109 
DG  C8    H8     sing N N 110 
DG  N7    C5     sing Y N 111 
DG  C5    C6     sing N N 112 
DG  C5    C4     doub Y N 113 
DG  C6    O6     doub N N 114 
DG  C6    N1     sing N N 115 
DG  N1    C2     sing N N 116 
DG  N1    H1     sing N N 117 
DG  C2    N2     sing N N 118 
DG  C2    N3     doub N N 119 
DG  N2    H21    sing N N 120 
DG  N2    H22    sing N N 121 
DG  N3    C4     sing N N 122 
DT  OP3   P      sing N N 123 
DT  OP3   HOP3   sing N N 124 
DT  P     OP1    doub N N 125 
DT  P     OP2    sing N N 126 
DT  P     "O5'"  sing N N 127 
DT  OP2   HOP2   sing N N 128 
DT  "O5'" "C5'"  sing N N 129 
DT  "C5'" "C4'"  sing N N 130 
DT  "C5'" "H5'"  sing N N 131 
DT  "C5'" "H5''" sing N N 132 
DT  "C4'" "O4'"  sing N N 133 
DT  "C4'" "C3'"  sing N N 134 
DT  "C4'" "H4'"  sing N N 135 
DT  "O4'" "C1'"  sing N N 136 
DT  "C3'" "O3'"  sing N N 137 
DT  "C3'" "C2'"  sing N N 138 
DT  "C3'" "H3'"  sing N N 139 
DT  "O3'" "HO3'" sing N N 140 
DT  "C2'" "C1'"  sing N N 141 
DT  "C2'" "H2'"  sing N N 142 
DT  "C2'" "H2''" sing N N 143 
DT  "C1'" N1     sing N N 144 
DT  "C1'" "H1'"  sing N N 145 
DT  N1    C2     sing N N 146 
DT  N1    C6     sing N N 147 
DT  C2    O2     doub N N 148 
DT  C2    N3     sing N N 149 
DT  N3    C4     sing N N 150 
DT  N3    H3     sing N N 151 
DT  C4    O4     doub N N 152 
DT  C4    C5     sing N N 153 
DT  C5    C7     sing N N 154 
DT  C5    C6     doub N N 155 
DT  C7    H71    sing N N 156 
DT  C7    H72    sing N N 157 
DT  C7    H73    sing N N 158 
DT  C6    H6     sing N N 159 
# 
loop_
_ndb_struct_conf_na.entry_id 
_ndb_struct_conf_na.feature 
1KSB 'double helix'        
1KSB 'b-form double helix' 
# 
loop_
_ndb_struct_na_base_pair.model_number 
_ndb_struct_na_base_pair.i_label_asym_id 
_ndb_struct_na_base_pair.i_label_comp_id 
_ndb_struct_na_base_pair.i_label_seq_id 
_ndb_struct_na_base_pair.i_symmetry 
_ndb_struct_na_base_pair.j_label_asym_id 
_ndb_struct_na_base_pair.j_label_comp_id 
_ndb_struct_na_base_pair.j_label_seq_id 
_ndb_struct_na_base_pair.j_symmetry 
_ndb_struct_na_base_pair.shear 
_ndb_struct_na_base_pair.stretch 
_ndb_struct_na_base_pair.stagger 
_ndb_struct_na_base_pair.buckle 
_ndb_struct_na_base_pair.propeller 
_ndb_struct_na_base_pair.opening 
_ndb_struct_na_base_pair.pair_number 
_ndb_struct_na_base_pair.pair_name 
_ndb_struct_na_base_pair.i_auth_asym_id 
_ndb_struct_na_base_pair.i_auth_seq_id 
_ndb_struct_na_base_pair.i_PDB_ins_code 
_ndb_struct_na_base_pair.j_auth_asym_id 
_ndb_struct_na_base_pair.j_auth_seq_id 
_ndb_struct_na_base_pair.j_PDB_ins_code 
_ndb_struct_na_base_pair.hbond_type_28 
_ndb_struct_na_base_pair.hbond_type_12 
1 A DC 1 1_555 B DG 9 1_555 -0.119 0.026  0.135  -4.458 -14.431 0.471  1 A_DC1:DG9_B A 1 ? B 9 ? 19 1 
1 A DT 2 1_555 B DA 8 1_555 -0.549 -0.075 0.063  -2.978 -11.462 -4.302 2 A_DT2:DA8_B A 2 ? B 8 ? 20 1 
1 A DC 3 1_555 B DG 7 1_555 0.203  -0.025 -0.195 2.381  -6.238  2.838  3 A_DC3:DG7_B A 3 ? B 7 ? 19 1 
1 A DC 4 1_555 B DG 6 1_555 0.451  -0.126 0.393  2.568  -0.051  0.612  4 A_DC4:DG6_B A 4 ? B 6 ? 19 1 
1 A DG 5 1_555 B DC 5 1_555 -0.934 -0.300 0.579  32.037 1.835   -1.719 5 A_DG5:DC5_B A 5 ? B 5 ? 19 1 
1 A DG 6 1_555 B DC 4 1_555 -0.061 -0.258 -0.558 -8.921 10.165  -5.597 6 A_DG6:DC4_B A 6 ? B 4 ? 19 1 
1 A DC 7 1_555 B DG 3 1_555 0.742  -0.141 0.214  6.121  0.358   -7.634 7 A_DC7:DG3_B A 7 ? B 3 ? 19 1 
1 A DC 8 1_555 B DG 2 1_555 0.133  -0.005 -0.025 13.869 -21.544 1.530  8 A_DC8:DG2_B A 8 ? B 2 ? 19 1 
1 A DT 9 1_555 B DA 1 1_555 -0.236 -0.041 -0.015 -4.830 -15.177 -0.896 9 A_DT9:DA1_B A 9 ? B 1 ? 20 1 
# 
loop_
_ndb_struct_na_base_pair_step.model_number 
_ndb_struct_na_base_pair_step.i_label_asym_id_1 
_ndb_struct_na_base_pair_step.i_label_comp_id_1 
_ndb_struct_na_base_pair_step.i_label_seq_id_1 
_ndb_struct_na_base_pair_step.i_symmetry_1 
_ndb_struct_na_base_pair_step.j_label_asym_id_1 
_ndb_struct_na_base_pair_step.j_label_comp_id_1 
_ndb_struct_na_base_pair_step.j_label_seq_id_1 
_ndb_struct_na_base_pair_step.j_symmetry_1 
_ndb_struct_na_base_pair_step.i_label_asym_id_2 
_ndb_struct_na_base_pair_step.i_label_comp_id_2 
_ndb_struct_na_base_pair_step.i_label_seq_id_2 
_ndb_struct_na_base_pair_step.i_symmetry_2 
_ndb_struct_na_base_pair_step.j_label_asym_id_2 
_ndb_struct_na_base_pair_step.j_label_comp_id_2 
_ndb_struct_na_base_pair_step.j_label_seq_id_2 
_ndb_struct_na_base_pair_step.j_symmetry_2 
_ndb_struct_na_base_pair_step.shift 
_ndb_struct_na_base_pair_step.slide 
_ndb_struct_na_base_pair_step.rise 
_ndb_struct_na_base_pair_step.tilt 
_ndb_struct_na_base_pair_step.roll 
_ndb_struct_na_base_pair_step.twist 
_ndb_struct_na_base_pair_step.x_displacement 
_ndb_struct_na_base_pair_step.y_displacement 
_ndb_struct_na_base_pair_step.helical_rise 
_ndb_struct_na_base_pair_step.inclination 
_ndb_struct_na_base_pair_step.tip 
_ndb_struct_na_base_pair_step.helical_twist 
_ndb_struct_na_base_pair_step.step_number 
_ndb_struct_na_base_pair_step.step_name 
_ndb_struct_na_base_pair_step.i_auth_asym_id_1 
_ndb_struct_na_base_pair_step.i_auth_seq_id_1 
_ndb_struct_na_base_pair_step.i_PDB_ins_code_1 
_ndb_struct_na_base_pair_step.j_auth_asym_id_1 
_ndb_struct_na_base_pair_step.j_auth_seq_id_1 
_ndb_struct_na_base_pair_step.j_PDB_ins_code_1 
_ndb_struct_na_base_pair_step.i_auth_asym_id_2 
_ndb_struct_na_base_pair_step.i_auth_seq_id_2 
_ndb_struct_na_base_pair_step.i_PDB_ins_code_2 
_ndb_struct_na_base_pair_step.j_auth_asym_id_2 
_ndb_struct_na_base_pair_step.j_auth_seq_id_2 
_ndb_struct_na_base_pair_step.j_PDB_ins_code_2 
1 A DC 1 1_555 B DG 9 1_555 A DT 2 1_555 B DA 8 1_555 -0.132 -0.185 3.189 -0.043 6.068   32.427 -1.327 0.226  3.104 10.749  0.076 
32.975 1 AA_DC1DT2:DA8DG9_BB A 1 ? B 9 ? A 2 ? B 8 ? 
1 A DT 2 1_555 B DA 8 1_555 A DC 3 1_555 B DG 7 1_555 0.550  0.089  3.128 3.056  4.603   37.691 -0.428 -0.469 3.150 7.078   -4.699 
38.079 2 AA_DT2DC3:DG7DA8_BB A 2 ? B 8 ? A 3 ? B 7 ? 
1 A DC 3 1_555 B DG 7 1_555 A DC 4 1_555 B DG 6 1_555 -0.495 0.500  3.359 -4.188 12.020  31.754 -1.179 0.136  3.360 20.946  7.299 
34.149 3 AA_DC3DC4:DG6DG7_BB A 3 ? B 7 ? A 4 ? B 6 ? 
1 A DC 4 1_555 B DG 6 1_555 A DG 5 1_555 B DC 5 1_555 1.497  1.840  2.994 7.599  -10.656 25.780 5.764  -1.526 2.399 -22.156 
-15.801 28.862 4 AA_DC4DG5:DC5DG6_BB A 4 ? B 6 ? A 5 ? B 5 ? 
1 A DG 5 1_555 B DC 5 1_555 A DG 6 1_555 B DC 4 1_555 -0.224 -0.622 5.591 -4.064 63.763  16.764 -5.111 -0.083 0.915 76.687  4.888 
65.829 5 AA_DG5DG6:DC4DC5_BB A 5 ? B 5 ? A 6 ? B 4 ? 
1 A DG 6 1_555 B DC 4 1_555 A DC 7 1_555 B DG 3 1_555 -0.761 -0.080 3.177 -7.853 3.469   37.863 -0.543 0.192  3.246 5.264   11.916 
38.789 6 AA_DG6DC7:DG3DC4_BB A 6 ? B 4 ? A 7 ? B 3 ? 
1 A DC 7 1_555 B DG 3 1_555 A DC 8 1_555 B DG 2 1_555 0.988  -0.829 2.967 5.568  10.948  29.447 -3.292 -0.893 2.639 20.453  
-10.401 31.854 7 AA_DC7DC8:DG2DG3_BB A 7 ? B 3 ? A 8 ? B 2 ? 
1 A DC 8 1_555 B DG 2 1_555 A DT 9 1_555 B DA 1 1_555 0.032  -0.311 3.634 3.239  9.829   35.082 -1.991 0.441  3.416 15.884  -5.235 
36.531 8 AA_DC8DT9:DA1DG2_BB A 8 ? B 2 ? A 9 ? B 1 ? 
# 
loop_
_pdbx_nmr_spectrometer.spectrometer_id 
_pdbx_nmr_spectrometer.type 
_pdbx_nmr_spectrometer.manufacturer 
_pdbx_nmr_spectrometer.model 
_pdbx_nmr_spectrometer.field_strength 
1 ? GE     OMEGA     600 
2 ? Varian UNITYPLUS 600 
# 
_atom_sites.entry_id                    1KSB 
_atom_sites.fract_transf_matrix[1][1]   1.000000 
_atom_sites.fract_transf_matrix[1][2]   0.000000 
_atom_sites.fract_transf_matrix[1][3]   0.000000 
_atom_sites.fract_transf_matrix[2][1]   0.000000 
_atom_sites.fract_transf_matrix[2][2]   1.000000 
_atom_sites.fract_transf_matrix[2][3]   0.000000 
_atom_sites.fract_transf_matrix[3][1]   0.000000 
_atom_sites.fract_transf_matrix[3][2]   0.000000 
_atom_sites.fract_transf_matrix[3][3]   1.000000 
_atom_sites.fract_transf_vector[1]      0.00000 
_atom_sites.fract_transf_vector[2]      0.00000 
_atom_sites.fract_transf_vector[3]      0.00000 
# 
loop_
_atom_type.symbol 
C  
H  
N  
O  
P  
PT 
# 
loop_
_atom_site.group_PDB 
_atom_site.id 
_atom_site.type_symbol 
_atom_site.label_atom_id 
_atom_site.label_alt_id 
_atom_site.label_comp_id 
_atom_site.label_asym_id 
_atom_site.label_entity_id 
_atom_site.label_seq_id 
_atom_site.pdbx_PDB_ins_code 
_atom_site.Cartn_x 
_atom_site.Cartn_y 
_atom_site.Cartn_z 
_atom_site.occupancy 
_atom_site.B_iso_or_equiv 
_atom_site.pdbx_formal_charge 
_atom_site.auth_seq_id 
_atom_site.auth_comp_id 
_atom_site.auth_asym_id 
_atom_site.auth_atom_id 
_atom_site.pdbx_PDB_model_num 
ATOM   1   O  "O5'"  . DC  A 1 1 ? 12.547  6.217   5.383   1.00 0.00 ? 1  DC  A "O5'"  1 
ATOM   2   C  "C5'"  . DC  A 1 1 ? 12.465  7.023   6.533   1.00 0.00 ? 1  DC  A "C5'"  1 
ATOM   3   C  "C4'"  . DC  A 1 1 ? 11.002  7.386   6.790   1.00 0.00 ? 1  DC  A "C4'"  1 
ATOM   4   O  "O4'"  . DC  A 1 1 ? 10.643  8.365   5.841   1.00 0.00 ? 1  DC  A "O4'"  1 
ATOM   5   C  "C3'"  . DC  A 1 1 ? 9.944   6.253   6.725   1.00 0.00 ? 1  DC  A "C3'"  1 
ATOM   6   O  "O3'"  . DC  A 1 1 ? 9.519   6.016   8.053   1.00 0.00 ? 1  DC  A "O3'"  1 
ATOM   7   C  "C2'"  . DC  A 1 1 ? 8.888   6.836   5.789   1.00 0.00 ? 1  DC  A "C2'"  1 
ATOM   8   C  "C1'"  . DC  A 1 1 ? 9.255   8.281   5.641   1.00 0.00 ? 1  DC  A "C1'"  1 
ATOM   9   N  N1     . DC  A 1 1 ? 8.873   8.805   4.327   1.00 0.00 ? 1  DC  A N1     1 
ATOM   10  C  C2     . DC  A 1 1 ? 7.764   9.646   4.219   1.00 0.00 ? 1  DC  A C2     1 
ATOM   11  O  O2     . DC  A 1 1 ? 7.046   9.860   5.191   1.00 0.00 ? 1  DC  A O2     1 
ATOM   12  N  N3     . DC  A 1 1 ? 7.504   10.220  3.006   1.00 0.00 ? 1  DC  A N3     1 
ATOM   13  C  C4     . DC  A 1 1 ? 8.238   9.942   1.934   1.00 0.00 ? 1  DC  A C4     1 
ATOM   14  N  N4     . DC  A 1 1 ? 7.971   10.576  0.785   1.00 0.00 ? 1  DC  A N4     1 
ATOM   15  C  C5     . DC  A 1 1 ? 9.307   8.976   1.997   1.00 0.00 ? 1  DC  A C5     1 
ATOM   16  C  C6     . DC  A 1 1 ? 9.585   8.445   3.212   1.00 0.00 ? 1  DC  A C6     1 
ATOM   17  H  "H5'"  . DC  A 1 1 ? 13.024  7.946   6.352   1.00 0.00 ? 1  DC  A "H5'"  1 
ATOM   18  H  "H5''" . DC  A 1 1 ? 12.900  6.518   7.394   1.00 0.00 ? 1  DC  A "H5''" 1 
ATOM   19  H  "H4'"  . DC  A 1 1 ? 10.960  7.865   7.771   1.00 0.00 ? 1  DC  A "H4'"  1 
ATOM   20  H  "H3'"  . DC  A 1 1 ? 10.194  5.302   6.228   1.00 0.00 ? 1  DC  A "H3'"  1 
ATOM   21  H  "H2'"  . DC  A 1 1 ? 9.079   6.409   4.832   1.00 0.00 ? 1  DC  A "H2'"  1 
ATOM   22  H  "H2''" . DC  A 1 1 ? 7.826   6.780   6.064   1.00 0.00 ? 1  DC  A "H2''" 1 
ATOM   23  H  "H1'"  . DC  A 1 1 ? 8.732   8.740   6.445   1.00 0.00 ? 1  DC  A "H1'"  1 
ATOM   24  H  H41    . DC  A 1 1 ? 7.223   11.258  0.744   1.00 0.00 ? 1  DC  A H41    1 
ATOM   25  H  H42    . DC  A 1 1 ? 8.525   10.384  -0.037  1.00 0.00 ? 1  DC  A H42    1 
ATOM   26  H  H5     . DC  A 1 1 ? 9.870   8.639   1.139   1.00 0.00 ? 1  DC  A H5     1 
ATOM   27  H  H6     . DC  A 1 1 ? 10.358  7.707   3.330   1.00 0.00 ? 1  DC  A H6     1 
ATOM   28  H  "HO5'" . DC  A 1 1 ? 11.869  6.514   4.770   1.00 0.00 ? 1  DC  A "HO5'" 1 
ATOM   29  P  P      . DT  A 1 2 ? 8.414   4.910   8.415   1.00 0.00 ? 2  DT  A P      1 
ATOM   30  O  OP1    . DT  A 1 2 ? 8.422   4.682   9.877   1.00 0.00 ? 2  DT  A OP1    1 
ATOM   31  O  OP2    . DT  A 1 2 ? 8.553   3.770   7.483   1.00 0.00 ? 2  DT  A OP2    1 
ATOM   32  O  "O5'"  . DT  A 1 2 ? 7.082   5.698   8.040   1.00 0.00 ? 2  DT  A "O5'"  1 
ATOM   33  C  "C5'"  . DT  A 1 2 ? 6.650   6.844   8.745   1.00 0.00 ? 2  DT  A "C5'"  1 
ATOM   34  C  "C4'"  . DT  A 1 2 ? 5.209   7.055   8.317   1.00 0.00 ? 2  DT  A "C4'"  1 
ATOM   35  O  "O4'"  . DT  A 1 2 ? 5.261   7.593   7.024   1.00 0.00 ? 2  DT  A "O4'"  1 
ATOM   36  C  "C3'"  . DT  A 1 2 ? 4.446   5.717   8.294   1.00 0.00 ? 2  DT  A "C3'"  1 
ATOM   37  O  "O3'"  . DT  A 1 2 ? 3.242   5.905   9.005   1.00 0.00 ? 2  DT  A "O3'"  1 
ATOM   38  C  "C2'"  . DT  A 1 2 ? 4.303   5.432   6.772   1.00 0.00 ? 2  DT  A "C2'"  1 
ATOM   39  C  "C1'"  . DT  A 1 2 ? 4.371   6.863   6.240   1.00 0.00 ? 2  DT  A "C1'"  1 
ATOM   40  N  N1     . DT  A 1 2 ? 4.747   7.049   4.846   1.00 0.00 ? 2  DT  A N1     1 
ATOM   41  C  C2     . DT  A 1 2 ? 4.064   8.027   4.111   1.00 0.00 ? 2  DT  A C2     1 
ATOM   42  O  O2     . DT  A 1 2 ? 3.109   8.674   4.543   1.00 0.00 ? 2  DT  A O2     1 
ATOM   43  N  N3     . DT  A 1 2 ? 4.529   8.249   2.829   1.00 0.00 ? 2  DT  A N3     1 
ATOM   44  C  C4     . DT  A 1 2 ? 5.559   7.559   2.207   1.00 0.00 ? 2  DT  A C4     1 
ATOM   45  O  O4     . DT  A 1 2 ? 5.806   7.748   1.020   1.00 0.00 ? 2  DT  A O4     1 
ATOM   46  C  C5     . DT  A 1 2 ? 6.273   6.640   3.074   1.00 0.00 ? 2  DT  A C5     1 
ATOM   47  C  C7     . DT  A 1 2 ? 7.428   5.874   2.480   1.00 0.00 ? 2  DT  A C7     1 
ATOM   48  C  C6     . DT  A 1 2 ? 5.864   6.418   4.352   1.00 0.00 ? 2  DT  A C6     1 
ATOM   49  H  "H5'"  . DT  A 1 2 ? 7.244   7.714   8.453   1.00 0.00 ? 2  DT  A "H5'"  1 
ATOM   50  H  "H5''" . DT  A 1 2 ? 6.697   6.707   9.823   1.00 0.00 ? 2  DT  A "H5''" 1 
ATOM   51  H  "H4'"  . DT  A 1 2 ? 4.701   7.794   8.928   1.00 0.00 ? 2  DT  A "H4'"  1 
ATOM   52  H  "H3'"  . DT  A 1 2 ? 4.979   4.951   8.873   1.00 0.00 ? 2  DT  A "H3'"  1 
ATOM   53  H  "H2'"  . DT  A 1 2 ? 5.100   4.807   6.370   1.00 0.00 ? 2  DT  A "H2'"  1 
ATOM   54  H  "H2''" . DT  A 1 2 ? 3.365   4.979   6.449   1.00 0.00 ? 2  DT  A "H2''" 1 
ATOM   55  H  "H1'"  . DT  A 1 2 ? 3.410   7.263   6.418   1.00 0.00 ? 2  DT  A "H1'"  1 
ATOM   56  H  H3     . DT  A 1 2 ? 4.056   8.960   2.287   1.00 0.00 ? 2  DT  A H3     1 
ATOM   57  H  H71    . DT  A 1 2 ? 8.013   6.535   1.842   1.00 0.00 ? 2  DT  A H71    1 
ATOM   58  H  H72    . DT  A 1 2 ? 8.067   5.457   3.251   1.00 0.00 ? 2  DT  A H72    1 
ATOM   59  H  H73    . DT  A 1 2 ? 7.028   5.064   1.875   1.00 0.00 ? 2  DT  A H73    1 
ATOM   60  H  H6     . DT  A 1 2 ? 6.440   5.791   5.042   1.00 0.00 ? 2  DT  A H6     1 
ATOM   61  P  P      . DC  A 1 3 ? 2.101   4.781   9.054   1.00 0.00 ? 3  DC  A P      1 
ATOM   62  O  OP1    . DC  A 1 3 ? 1.293   4.957   10.282  1.00 0.00 ? 3  DC  A OP1    1 
ATOM   63  O  OP2    . DC  A 1 3 ? 2.691   3.461   8.731   1.00 0.00 ? 3  DC  A OP2    1 
ATOM   64  O  "O5'"  . DC  A 1 3 ? 1.266   5.295   7.793   1.00 0.00 ? 3  DC  A "O5'"  1 
ATOM   65  C  "C5'"  . DC  A 1 3 ? 0.632   6.562   7.789   1.00 0.00 ? 3  DC  A "C5'"  1 
ATOM   66  C  "C4'"  . DC  A 1 3 ? -0.341  6.640   6.613   1.00 0.00 ? 3  DC  A "C4'"  1 
ATOM   67  O  "O4'"  . DC  A 1 3 ? 0.327   6.873   5.395   1.00 0.00 ? 3  DC  A "O4'"  1 
ATOM   68  C  "C3'"  . DC  A 1 3 ? -1.152  5.348   6.478   1.00 0.00 ? 3  DC  A "C3'"  1 
ATOM   69  O  "O3'"  . DC  A 1 3 ? -2.492  5.655   6.838   1.00 0.00 ? 3  DC  A "O3'"  1 
ATOM   70  C  "C2'"  . DC  A 1 3 ? -0.956  4.903   5.046   1.00 0.00 ? 3  DC  A "C2'"  1 
ATOM   71  C  "C1'"  . DC  A 1 3 ? -0.263  6.089   4.375   1.00 0.00 ? 3  DC  A "C1'"  1 
ATOM   72  N  N1     . DC  A 1 3 ? 0.836   5.743   3.468   1.00 0.00 ? 3  DC  A N1     1 
ATOM   73  C  C2     . DC  A 1 3 ? 1.043   6.558   2.355   1.00 0.00 ? 3  DC  A C2     1 
ATOM   74  O  O2     . DC  A 1 3 ? 0.316   7.524   2.140   1.00 0.00 ? 3  DC  A O2     1 
ATOM   75  N  N3     . DC  A 1 3 ? 2.085   6.275   1.523   1.00 0.00 ? 3  DC  A N3     1 
ATOM   76  C  C4     . DC  A 1 3 ? 2.964   5.327   1.812   1.00 0.00 ? 3  DC  A C4     1 
ATOM   77  N  N4     . DC  A 1 3 ? 3.922   5.064   0.911   1.00 0.00 ? 3  DC  A N4     1 
ATOM   78  C  C5     . DC  A 1 3 ? 2.885   4.606   3.064   1.00 0.00 ? 3  DC  A C5     1 
ATOM   79  C  C6     . DC  A 1 3 ? 1.794   4.836   3.847   1.00 0.00 ? 3  DC  A C6     1 
ATOM   80  H  "H5'"  . DC  A 1 3 ? 1.381   7.348   7.695   1.00 0.00 ? 3  DC  A "H5'"  1 
ATOM   81  H  "H5''" . DC  A 1 3 ? 0.075   6.712   8.715   1.00 0.00 ? 3  DC  A "H5''" 1 
ATOM   82  H  "H4'"  . DC  A 1 3 ? -1.006  7.489   6.785   1.00 0.00 ? 3  DC  A "H4'"  1 
ATOM   83  H  "H3'"  . DC  A 1 3 ? -0.731  4.518   7.040   1.00 0.00 ? 3  DC  A "H3'"  1 
ATOM   84  H  "H2'"  . DC  A 1 3 ? -0.403  3.966   5.025   1.00 0.00 ? 3  DC  A "H2'"  1 
ATOM   85  H  "H2''" . DC  A 1 3 ? -1.920  4.727   4.606   1.00 0.00 ? 3  DC  A "H2''" 1 
ATOM   86  H  "H1'"  . DC  A 1 3 ? -1.053  6.607   3.833   1.00 0.00 ? 3  DC  A "H1'"  1 
ATOM   87  H  H41    . DC  A 1 3 ? 3.941   5.578   0.035   1.00 0.00 ? 3  DC  A H41    1 
ATOM   88  H  H42    . DC  A 1 3 ? 4.628   4.368   1.096   1.00 0.00 ? 3  DC  A H42    1 
ATOM   89  H  H5     . DC  A 1 3 ? 3.663   3.935   3.404   1.00 0.00 ? 3  DC  A H5     1 
ATOM   90  H  H6     . DC  A 1 3 ? 1.676   4.302   4.786   1.00 0.00 ? 3  DC  A H6     1 
ATOM   91  P  P      . DC  A 1 4 ? -3.675  4.560   6.881   1.00 0.00 ? 4  DC  A P      1 
ATOM   92  O  OP1    . DC  A 1 4 ? -4.766  5.095   7.725   1.00 0.00 ? 4  DC  A OP1    1 
ATOM   93  O  OP2    . DC  A 1 4 ? -3.076  3.245   7.199   1.00 0.00 ? 4  DC  A OP2    1 
ATOM   94  O  "O5'"  . DC  A 1 4 ? -4.195  4.507   5.361   1.00 0.00 ? 4  DC  A "O5'"  1 
ATOM   95  C  "C5'"  . DC  A 1 4 ? -5.016  5.506   4.790   1.00 0.00 ? 4  DC  A "C5'"  1 
ATOM   96  C  "C4'"  . DC  A 1 4 ? -5.316  5.143   3.329   1.00 0.00 ? 4  DC  A "C4'"  1 
ATOM   97  O  "O4'"  . DC  A 1 4 ? -4.226  5.534   2.531   1.00 0.00 ? 4  DC  A "O4'"  1 
ATOM   98  C  "C3'"  . DC  A 1 4 ? -5.584  3.655   3.056   1.00 0.00 ? 4  DC  A "C3'"  1 
ATOM   99  O  "O3'"  . DC  A 1 4 ? -7.001  3.538   3.222   1.00 0.00 ? 4  DC  A "O3'"  1 
ATOM   100 C  "C2'"  . DC  A 1 4 ? -5.244  3.612   1.542   1.00 0.00 ? 4  DC  A "C2'"  1 
ATOM   101 C  "C1'"  . DC  A 1 4 ? -4.221  4.751   1.352   1.00 0.00 ? 4  DC  A "C1'"  1 
ATOM   102 N  N1     . DC  A 1 4 ? -2.819  4.353   1.213   1.00 0.00 ? 4  DC  A N1     1 
ATOM   103 C  C2     . DC  A 1 4 ? -2.106  4.643   0.050   1.00 0.00 ? 4  DC  A C2     1 
ATOM   104 O  O2     . DC  A 1 4 ? -2.628  5.274   -0.863  1.00 0.00 ? 4  DC  A O2     1 
ATOM   105 N  N3     . DC  A 1 4 ? -0.814  4.200   -0.046  1.00 0.00 ? 4  DC  A N3     1 
ATOM   106 C  C4     . DC  A 1 4 ? -0.242  3.494   0.924   1.00 0.00 ? 4  DC  A C4     1 
ATOM   107 N  N4     . DC  A 1 4 ? 1.026   3.094   0.748   1.00 0.00 ? 4  DC  A N4     1 
ATOM   108 C  C5     . DC  A 1 4 ? -0.961  3.222   2.150   1.00 0.00 ? 4  DC  A C5     1 
ATOM   109 C  C6     . DC  A 1 4 ? -2.213  3.685   2.236   1.00 0.00 ? 4  DC  A C6     1 
ATOM   110 H  "H5'"  . DC  A 1 4 ? -4.500  6.469   4.816   1.00 0.00 ? 4  DC  A "H5'"  1 
ATOM   111 H  "H5''" . DC  A 1 4 ? -5.951  5.591   5.342   1.00 0.00 ? 4  DC  A "H5''" 1 
ATOM   112 H  "H4'"  . DC  A 1 4 ? -6.175  5.721   2.982   1.00 0.00 ? 4  DC  A "H4'"  1 
ATOM   113 H  "H3'"  . DC  A 1 4 ? -4.955  3.003   3.705   1.00 0.00 ? 4  DC  A "H3'"  1 
ATOM   114 H  "H2'"  . DC  A 1 4 ? -4.815  2.695   1.122   1.00 0.00 ? 4  DC  A "H2'"  1 
ATOM   115 H  "H2''" . DC  A 1 4 ? -6.153  3.805   0.972   1.00 0.00 ? 4  DC  A "H2''" 1 
ATOM   116 H  "H1'"  . DC  A 1 4 ? -4.659  5.256   0.494   1.00 0.00 ? 4  DC  A "H1'"  1 
ATOM   117 H  H41    . DC  A 1 4 ? 1.519   3.363   -0.097  1.00 0.00 ? 4  DC  A H41    1 
ATOM   118 H  H42    . DC  A 1 4 ? 1.505   2.579   1.470   1.00 0.00 ? 4  DC  A H42    1 
ATOM   119 H  H5     . DC  A 1 4 ? -0.530  2.681   2.971   1.00 0.00 ? 4  DC  A H5     1 
ATOM   120 H  H6     . DC  A 1 4 ? -2.750  3.599   3.154   1.00 0.00 ? 4  DC  A H6     1 
ATOM   121 P  P      . DG  A 1 5 ? -7.837  2.164   3.046   1.00 0.00 ? 5  DG  A P      1 
ATOM   122 O  OP1    . DG  A 1 5 ? -9.150  2.334   3.709   1.00 0.00 ? 5  DG  A OP1    1 
ATOM   123 O  OP2    . DG  A 1 5 ? -6.911  1.102   3.492   1.00 0.00 ? 5  DG  A OP2    1 
ATOM   124 O  "O5'"  . DG  A 1 5 ? -8.087  1.984   1.474   1.00 0.00 ? 5  DG  A "O5'"  1 
ATOM   125 C  "C5'"  . DG  A 1 5 ? -8.972  2.813   0.738   1.00 0.00 ? 5  DG  A "C5'"  1 
ATOM   126 C  "C4'"  . DG  A 1 5 ? -8.794  2.512   -0.753  1.00 0.00 ? 5  DG  A "C4'"  1 
ATOM   127 O  "O4'"  . DG  A 1 5 ? -7.480  2.864   -1.095  1.00 0.00 ? 5  DG  A "O4'"  1 
ATOM   128 C  "C3'"  . DG  A 1 5 ? -8.965  1.021   -1.063  1.00 0.00 ? 5  DG  A "C3'"  1 
ATOM   129 O  "O3'"  . DG  A 1 5 ? -10.267 0.761   -1.535  1.00 0.00 ? 5  DG  A "O3'"  1 
ATOM   130 C  "C2'"  . DG  A 1 5 ? -7.893  0.680   -2.103  1.00 0.00 ? 5  DG  A "C2'"  1 
ATOM   131 C  "C1'"  . DG  A 1 5 ? -6.902  1.778   -1.774  1.00 0.00 ? 5  DG  A "C1'"  1 
ATOM   132 N  N9     . DG  A 1 5 ? -5.703  1.316   -1.125  1.00 0.00 ? 5  DG  A N9     1 
ATOM   133 C  C8     . DG  A 1 5 ? -5.636  0.478   -0.073  1.00 0.00 ? 5  DG  A C8     1 
ATOM   134 N  N7     . DG  A 1 5 ? -4.458  -0.012  0.135   1.00 0.00 ? 5  DG  A N7     1 
ATOM   135 C  C5     . DG  A 1 5 ? -3.635  0.728   -0.715  1.00 0.00 ? 5  DG  A C5     1 
ATOM   136 C  C6     . DG  A 1 5 ? -2.218  0.755   -0.876  1.00 0.00 ? 5  DG  A C6     1 
ATOM   137 O  O6     . DG  A 1 5 ? -1.383  0.116   -0.243  1.00 0.00 ? 5  DG  A O6     1 
ATOM   138 N  N1     . DG  A 1 5 ? -1.820  1.640   -1.889  1.00 0.00 ? 5  DG  A N1     1 
ATOM   139 C  C2     . DG  A 1 5 ? -2.674  2.401   -2.643  1.00 0.00 ? 5  DG  A C2     1 
ATOM   140 N  N2     . DG  A 1 5 ? -2.140  3.195   -3.580  1.00 0.00 ? 5  DG  A N2     1 
ATOM   141 N  N3     . DG  A 1 5 ? -3.990  2.384   -2.492  1.00 0.00 ? 5  DG  A N3     1 
ATOM   142 C  C4     . DG  A 1 5 ? -4.412  1.537   -1.514  1.00 0.00 ? 5  DG  A C4     1 
ATOM   143 H  "H5'"  . DG  A 1 5 ? -8.718  3.857   0.919   1.00 0.00 ? 5  DG  A "H5'"  1 
ATOM   144 H  "H5''" . DG  A 1 5 ? -10.008 2.629   1.025   1.00 0.00 ? 5  DG  A "H5''" 1 
ATOM   145 H  "H4'"  . DG  A 1 5 ? -9.486  3.115   -1.344  1.00 0.00 ? 5  DG  A "H4'"  1 
ATOM   146 H  "H3'"  . DG  A 1 5 ? -8.778  0.509   -0.133  1.00 0.00 ? 5  DG  A "H3'"  1 
ATOM   147 H  "H2'"  . DG  A 1 5 ? -7.409  -0.311  -2.120  1.00 0.00 ? 5  DG  A "H2'"  1 
ATOM   148 H  "H2''" . DG  A 1 5 ? -8.266  0.837   -3.116  1.00 0.00 ? 5  DG  A "H2''" 1 
ATOM   149 H  "H1'"  . DG  A 1 5 ? -6.536  2.178   -2.656  1.00 0.00 ? 5  DG  A "H1'"  1 
ATOM   150 H  H8     . DG  A 1 5 ? -6.522  0.228   0.470   1.00 0.00 ? 5  DG  A H8     1 
ATOM   151 H  H1     . DG  A 1 5 ? -0.827  1.694   -2.092  1.00 0.00 ? 5  DG  A H1     1 
ATOM   152 H  H21    . DG  A 1 5 ? -1.137  3.206   -3.714  1.00 0.00 ? 5  DG  A H21    1 
ATOM   153 H  H22    . DG  A 1 5 ? -2.732  3.753   -4.176  1.00 0.00 ? 5  DG  A H22    1 
ATOM   154 P  P      . DG  A 1 6 ? -11.050 -0.567  -1.077  1.00 0.00 ? 6  DG  A P      1 
ATOM   155 O  OP1    . DG  A 1 6 ? -12.414 -0.520  -1.649  1.00 0.00 ? 6  DG  A OP1    1 
ATOM   156 O  OP2    . DG  A 1 6 ? -10.872 -0.718  0.385   1.00 0.00 ? 6  DG  A OP2    1 
ATOM   157 O  "O5'"  . DG  A 1 6 ? -10.217 -1.734  -1.809  1.00 0.00 ? 6  DG  A "O5'"  1 
ATOM   158 C  "C5'"  . DG  A 1 6 ? -10.147 -1.816  -3.219  1.00 0.00 ? 6  DG  A "C5'"  1 
ATOM   159 C  "C4'"  . DG  A 1 6 ? -9.296  -3.008  -3.651  1.00 0.00 ? 6  DG  A "C4'"  1 
ATOM   160 O  "O4'"  . DG  A 1 6 ? -7.924  -2.773  -3.413  1.00 0.00 ? 6  DG  A "O4'"  1 
ATOM   161 C  "C3'"  . DG  A 1 6 ? -9.665  -4.286  -2.897  1.00 0.00 ? 6  DG  A "C3'"  1 
ATOM   162 O  "O3'"  . DG  A 1 6 ? -9.691  -5.367  -3.810  1.00 0.00 ? 6  DG  A "O3'"  1 
ATOM   163 C  "C2'"  . DG  A 1 6 ? -8.510  -4.478  -1.959  1.00 0.00 ? 6  DG  A "C2'"  1 
ATOM   164 C  "C1'"  . DG  A 1 6 ? -7.393  -3.955  -2.854  1.00 0.00 ? 6  DG  A "C1'"  1 
ATOM   165 N  N9     . DG  A 1 6 ? -6.219  -3.598  -2.090  1.00 0.00 ? 6  DG  A N9     1 
ATOM   166 C  C8     . DG  A 1 6 ? -6.169  -2.878  -0.939  1.00 0.00 ? 6  DG  A C8     1 
ATOM   167 N  N7     . DG  A 1 6 ? -4.958  -2.707  -0.473  1.00 0.00 ? 6  DG  A N7     1 
ATOM   168 C  C5     . DG  A 1 6 ? -4.156  -3.359  -1.410  1.00 0.00 ? 6  DG  A C5     1 
ATOM   169 C  C6     . DG  A 1 6 ? -2.745  -3.541  -1.467  1.00 0.00 ? 6  DG  A C6     1 
ATOM   170 O  O6     . DG  A 1 6 ? -1.910  -3.115  -0.680  1.00 0.00 ? 6  DG  A O6     1 
ATOM   171 N  N1     . DG  A 1 6 ? -2.357  -4.295  -2.580  1.00 0.00 ? 6  DG  A N1     1 
ATOM   172 C  C2     . DG  A 1 6 ? -3.203  -4.768  -3.544  1.00 0.00 ? 6  DG  A C2     1 
ATOM   173 N  N2     . DG  A 1 6 ? -2.657  -5.433  -4.570  1.00 0.00 ? 6  DG  A N2     1 
ATOM   174 N  N3     . DG  A 1 6 ? -4.512  -4.588  -3.508  1.00 0.00 ? 6  DG  A N3     1 
ATOM   175 C  C4     . DG  A 1 6 ? -4.929  -3.889  -2.416  1.00 0.00 ? 6  DG  A C4     1 
ATOM   176 H  "H5'"  . DG  A 1 6 ? -9.694  -0.909  -3.614  1.00 0.00 ? 6  DG  A "H5'"  1 
ATOM   177 H  "H5''" . DG  A 1 6 ? -11.148 -1.924  -3.641  1.00 0.00 ? 6  DG  A "H5''" 1 
ATOM   178 H  "H4'"  . DG  A 1 6 ? -9.429  -3.155  -4.723  1.00 0.00 ? 6  DG  A "H4'"  1 
ATOM   179 H  "H3'"  . DG  A 1 6 ? -10.528 -4.224  -2.266  1.00 0.00 ? 6  DG  A "H3'"  1 
ATOM   180 H  "H2'"  . DG  A 1 6 ? -8.578  -3.932  -1.023  1.00 0.00 ? 6  DG  A "H2'"  1 
ATOM   181 H  "H2''" . DG  A 1 6 ? -8.563  -5.524  -1.742  1.00 0.00 ? 6  DG  A "H2''" 1 
ATOM   182 H  "H1'"  . DG  A 1 6 ? -7.147  -4.683  -3.626  1.00 0.00 ? 6  DG  A "H1'"  1 
ATOM   183 H  H8     . DG  A 1 6 ? -7.122  -2.531  -0.540  1.00 0.00 ? 6  DG  A H8     1 
ATOM   184 H  H1     . DG  A 1 6 ? -1.375  -4.495  -2.687  1.00 0.00 ? 6  DG  A H1     1 
ATOM   185 H  H21    . DG  A 1 6 ? -1.658  -5.562  -4.602  1.00 0.00 ? 6  DG  A H21    1 
ATOM   186 H  H22    . DG  A 1 6 ? -3.231  -5.786  -5.322  1.00 0.00 ? 6  DG  A H22    1 
ATOM   187 P  P      . DC  A 1 7 ? -10.595 -6.672  -3.617  1.00 0.00 ? 7  DC  A P      1 
ATOM   188 O  OP1    . DC  A 1 7 ? -11.860 -6.515  -4.365  1.00 0.00 ? 7  DC  A OP1    1 
ATOM   189 O  OP2    . DC  A 1 7 ? -10.604 -7.065  -2.190  1.00 0.00 ? 7  DC  A OP2    1 
ATOM   190 O  "O5'"  . DC  A 1 7 ? -9.630  -7.670  -4.402  1.00 0.00 ? 7  DC  A "O5'"  1 
ATOM   191 C  "C5'"  . DC  A 1 7 ? -9.234  -7.488  -5.750  1.00 0.00 ? 7  DC  A "C5'"  1 
ATOM   192 C  "C4'"  . DC  A 1 7 ? -8.080  -8.453  -6.044  1.00 0.00 ? 7  DC  A "C4'"  1 
ATOM   193 O  "O4'"  . DC  A 1 7 ? -6.869  -7.992  -5.473  1.00 0.00 ? 7  DC  A "O4'"  1 
ATOM   194 C  "C3'"  . DC  A 1 7 ? -8.361  -9.831  -5.444  1.00 0.00 ? 7  DC  A "C3'"  1 
ATOM   195 O  "O3'"  . DC  A 1 7 ? -8.073  -10.787 -6.466  1.00 0.00 ? 7  DC  A "O3'"  1 
ATOM   196 C  "C2'"  . DC  A 1 7 ? -7.515  -9.895  -4.187  1.00 0.00 ? 7  DC  A "C2'"  1 
ATOM   197 C  "C1'"  . DC  A 1 7 ? -6.383  -8.941  -4.539  1.00 0.00 ? 7  DC  A "C1'"  1 
ATOM   198 N  N1     . DC  A 1 7 ? -5.900  -8.228  -3.346  1.00 0.00 ? 7  DC  A N1     1 
ATOM   199 C  C2     . DC  A 1 7 ? -4.523  -8.272  -3.056  1.00 0.00 ? 7  DC  A C2     1 
ATOM   200 O  O2     . DC  A 1 7 ? -3.719  -8.832  -3.800  1.00 0.00 ? 7  DC  A O2     1 
ATOM   201 N  N3     . DC  A 1 7 ? -4.074  -7.668  -1.918  1.00 0.00 ? 7  DC  A N3     1 
ATOM   202 C  C4     . DC  A 1 7 ? -4.910  -7.077  -1.081  1.00 0.00 ? 7  DC  A C4     1 
ATOM   203 N  N4     . DC  A 1 7 ? -4.438  -6.466  0.014   1.00 0.00 ? 7  DC  A N4     1 
ATOM   204 C  C5     . DC  A 1 7 ? -6.320  -7.037  -1.339  1.00 0.00 ? 7  DC  A C5     1 
ATOM   205 C  C6     . DC  A 1 7 ? -6.788  -7.582  -2.498  1.00 0.00 ? 7  DC  A C6     1 
ATOM   206 H  "H5'"  . DC  A 1 7 ? -8.890  -6.471  -5.936  1.00 0.00 ? 7  DC  A "H5'"  1 
ATOM   207 H  "H5''" . DC  A 1 7 ? -10.070 -7.711  -6.416  1.00 0.00 ? 7  DC  A "H5''" 1 
ATOM   208 H  "H4'"  . DC  A 1 7 ? -7.948  -8.518  -7.127  1.00 0.00 ? 7  DC  A "H4'"  1 
ATOM   209 H  "H3'"  . DC  A 1 7 ? -9.347  -9.832  -5.003  1.00 0.00 ? 7  DC  A "H3'"  1 
ATOM   210 H  "H2'"  . DC  A 1 7 ? -8.102  -9.554  -3.328  1.00 0.00 ? 7  DC  A "H2'"  1 
ATOM   211 H  "H2''" . DC  A 1 7 ? -7.162  -10.896 -3.970  1.00 0.00 ? 7  DC  A "H2''" 1 
ATOM   212 H  "H1'"  . DC  A 1 7 ? -5.620  -9.557  -5.014  1.00 0.00 ? 7  DC  A "H1'"  1 
ATOM   213 H  H41    . DC  A 1 7 ? -3.449  -6.472  0.212   1.00 0.00 ? 7  DC  A H41    1 
ATOM   214 H  H42    . DC  A 1 7 ? -5.078  -6.001  0.642   1.00 0.00 ? 7  DC  A H42    1 
ATOM   215 H  H5     . DC  A 1 7 ? -7.006  -6.620  -0.628  1.00 0.00 ? 7  DC  A H5     1 
ATOM   216 H  H6     . DC  A 1 7 ? -7.866  -7.500  -2.756  1.00 0.00 ? 7  DC  A H6     1 
ATOM   217 P  P      . DC  A 1 8 ? -8.210  -12.385 -6.289  1.00 0.00 ? 8  DC  A P      1 
ATOM   218 O  OP1    . DC  A 1 8 ? -8.113  -13.022 -7.622  1.00 0.00 ? 8  DC  A OP1    1 
ATOM   219 O  OP2    . DC  A 1 8 ? -9.379  -12.661 -5.427  1.00 0.00 ? 8  DC  A OP2    1 
ATOM   220 O  "O5'"  . DC  A 1 8 ? -6.883  -12.756 -5.469  1.00 0.00 ? 8  DC  A "O5'"  1 
ATOM   221 C  "C5'"  . DC  A 1 8 ? -5.591  -12.752 -6.045  1.00 0.00 ? 8  DC  A "C5'"  1 
ATOM   222 C  "C4'"  . DC  A 1 8 ? -4.589  -13.235 -4.994  1.00 0.00 ? 8  DC  A "C4'"  1 
ATOM   223 O  "O4'"  . DC  A 1 8 ? -4.349  -12.211 -4.060  1.00 0.00 ? 8  DC  A "O4'"  1 
ATOM   224 C  "C3'"  . DC  A 1 8 ? -5.087  -14.458 -4.207  1.00 0.00 ? 8  DC  A "C3'"  1 
ATOM   225 O  "O3'"  . DC  A 1 8 ? -4.334  -15.592 -4.621  1.00 0.00 ? 8  DC  A "O3'"  1 
ATOM   226 C  "C2'"  . DC  A 1 8 ? -4.937  -14.076 -2.755  1.00 0.00 ? 8  DC  A "C2'"  1 
ATOM   227 C  "C1'"  . DC  A 1 8 ? -4.061  -12.830 -2.831  1.00 0.00 ? 8  DC  A "C1'"  1 
ATOM   228 N  N1     . DC  A 1 8 ? -4.374  -11.861 -1.783  1.00 0.00 ? 8  DC  A N1     1 
ATOM   229 C  C2     . DC  A 1 8 ? -3.324  -11.229 -1.119  1.00 0.00 ? 8  DC  A C2     1 
ATOM   230 O  O2     . DC  A 1 8 ? -2.161  -11.394 -1.478  1.00 0.00 ? 8  DC  A O2     1 
ATOM   231 N  N3     . DC  A 1 8 ? -3.624  -10.413 -0.071  1.00 0.00 ? 8  DC  A N3     1 
ATOM   232 C  C4     . DC  A 1 8 ? -4.876  -10.181 0.298   1.00 0.00 ? 8  DC  A C4     1 
ATOM   233 N  N4     . DC  A 1 8 ? -5.058  -9.350  1.336   1.00 0.00 ? 8  DC  A N4     1 
ATOM   234 C  C5     . DC  A 1 8 ? -5.987  -10.755 -0.441  1.00 0.00 ? 8  DC  A C5     1 
ATOM   235 C  C6     . DC  A 1 8 ? -5.681  -11.566 -1.487  1.00 0.00 ? 8  DC  A C6     1 
ATOM   236 H  "H5'"  . DC  A 1 8 ? -5.328  -11.738 -6.350  1.00 0.00 ? 8  DC  A "H5'"  1 
ATOM   237 H  "H5''" . DC  A 1 8 ? -5.542  -13.416 -6.908  1.00 0.00 ? 8  DC  A "H5''" 1 
ATOM   238 H  "H4'"  . DC  A 1 8 ? -3.640  -13.464 -5.484  1.00 0.00 ? 8  DC  A "H4'"  1 
ATOM   239 H  "H3'"  . DC  A 1 8 ? -6.168  -14.561 -4.263  1.00 0.00 ? 8  DC  A "H3'"  1 
ATOM   240 H  "H2'"  . DC  A 1 8 ? -5.954  -13.926 -2.406  1.00 0.00 ? 8  DC  A "H2'"  1 
ATOM   241 H  "H2''" . DC  A 1 8 ? -4.495  -14.839 -2.137  1.00 0.00 ? 8  DC  A "H2''" 1 
ATOM   242 H  "H1'"  . DC  A 1 8 ? -3.028  -13.179 -2.798  1.00 0.00 ? 8  DC  A "H1'"  1 
ATOM   243 H  H41    . DC  A 1 8 ? -4.248  -8.951  1.801   1.00 0.00 ? 8  DC  A H41    1 
ATOM   244 H  H42    . DC  A 1 8 ? -5.983  -9.088  1.641   1.00 0.00 ? 8  DC  A H42    1 
ATOM   245 H  H5     . DC  A 1 8 ? -7.033  -10.649 -0.192  1.00 0.00 ? 8  DC  A H5     1 
ATOM   246 H  H6     . DC  A 1 8 ? -6.445  -12.022 -2.126  1.00 0.00 ? 8  DC  A H6     1 
ATOM   247 P  P      . DT  A 1 9 ? -4.364  -17.021 -3.866  1.00 0.00 ? 9  DT  A P      1 
ATOM   248 O  OP1    . DT  A 1 9 ? -3.917  -18.060 -4.819  1.00 0.00 ? 9  DT  A OP1    1 
ATOM   249 O  OP2    . DT  A 1 9 ? -5.668  -17.162 -3.180  1.00 0.00 ? 9  DT  A OP2    1 
ATOM   250 O  "O5'"  . DT  A 1 9 ? -3.228  -16.855 -2.733  1.00 0.00 ? 9  DT  A "O5'"  1 
ATOM   251 C  "C5'"  . DT  A 1 9 ? -1.862  -16.632 -3.041  1.00 0.00 ? 9  DT  A "C5'"  1 
ATOM   252 C  "C4'"  . DT  A 1 9 ? -1.067  -16.581 -1.732  1.00 0.00 ? 9  DT  A "C4'"  1 
ATOM   253 O  "O4'"  . DT  A 1 9 ? -1.435  -15.418 -1.036  1.00 0.00 ? 9  DT  A "O4'"  1 
ATOM   254 C  "C3'"  . DT  A 1 9 ? -1.366  -17.758 -0.795  1.00 0.00 ? 9  DT  A "C3'"  1 
ATOM   255 O  "O3'"  . DT  A 1 9 ? -0.233  -18.586 -0.613  1.00 0.00 ? 9  DT  A "O3'"  1 
ATOM   256 C  "C2'"  . DT  A 1 9 ? -1.864  -17.200 0.504   1.00 0.00 ? 9  DT  A "C2'"  1 
ATOM   257 C  "C1'"  . DT  A 1 9 ? -1.504  -15.732 0.339   1.00 0.00 ? 9  DT  A "C1'"  1 
ATOM   258 N  N1     . DT  A 1 9 ? -2.492  -14.865 0.959   1.00 0.00 ? 9  DT  A N1     1 
ATOM   259 C  C2     . DT  A 1 9 ? -2.127  -13.995 1.981   1.00 0.00 ? 9  DT  A C2     1 
ATOM   260 O  O2     . DT  A 1 9 ? -0.992  -13.930 2.446   1.00 0.00 ? 9  DT  A O2     1 
ATOM   261 N  N3     . DT  A 1 9 ? -3.145  -13.192 2.468   1.00 0.00 ? 9  DT  A N3     1 
ATOM   262 C  C4     . DT  A 1 9 ? -4.470  -13.199 2.052   1.00 0.00 ? 9  DT  A C4     1 
ATOM   263 O  O4     . DT  A 1 9 ? -5.284  -12.449 2.580   1.00 0.00 ? 9  DT  A O4     1 
ATOM   264 C  C5     . DT  A 1 9 ? -4.762  -14.156 0.998   1.00 0.00 ? 9  DT  A C5     1 
ATOM   265 C  C7     . DT  A 1 9 ? -6.196  -14.272 0.524   1.00 0.00 ? 9  DT  A C7     1 
ATOM   266 C  C6     . DT  A 1 9 ? -3.773  -14.949 0.498   1.00 0.00 ? 9  DT  A C6     1 
ATOM   267 H  "H5'"  . DT  A 1 9 ? -1.759  -15.671 -3.548  1.00 0.00 ? 9  DT  A "H5'"  1 
ATOM   268 H  "H5''" . DT  A 1 9 ? -1.466  -17.420 -3.683  1.00 0.00 ? 9  DT  A "H5''" 1 
ATOM   269 H  "H4'"  . DT  A 1 9 ? 0.001   -16.539 -1.956  1.00 0.00 ? 9  DT  A "H4'"  1 
ATOM   270 H  "H3'"  . DT  A 1 9 ? -2.264  -18.268 -1.048  1.00 0.00 ? 9  DT  A "H3'"  1 
ATOM   271 H  "HO3'" . DT  A 1 9 ? -0.532  -19.505 -0.256  1.00 0.00 ? 9  DT  A "HO3'" 1 
ATOM   272 H  "H2'"  . DT  A 1 9 ? -2.931  -17.398 0.631   1.00 0.00 ? 9  DT  A "H2'"  1 
ATOM   273 H  "H2''" . DT  A 1 9 ? -1.346  -17.703 1.302   1.00 0.00 ? 9  DT  A "H2''" 1 
ATOM   274 H  "H1'"  . DT  A 1 9 ? -0.534  -15.638 0.744   1.00 0.00 ? 9  DT  A "H1'"  1 
ATOM   275 H  H3     . DT  A 1 9 ? -2.906  -12.563 3.220   1.00 0.00 ? 9  DT  A H3     1 
ATOM   276 H  H71    . DT  A 1 9 ? -6.662  -13.285 0.512   1.00 0.00 ? 9  DT  A H71    1 
ATOM   277 H  H72    . DT  A 1 9 ? -6.257  -14.706 -0.467  1.00 0.00 ? 9  DT  A H72    1 
ATOM   278 H  H73    . DT  A 1 9 ? -6.754  -14.905 1.211   1.00 0.00 ? 9  DT  A H73    1 
ATOM   279 H  H6     . DT  A 1 9 ? -3.870  -15.723 -0.258  1.00 0.00 ? 9  DT  A H6     1 
ATOM   280 O  "O5'"  . DA  B 2 1 ? -0.914  -7.070  11.909  1.00 0.00 ? 1  DA  B "O5'"  1 
ATOM   281 C  "C5'"  . DA  B 2 1 ? -0.181  -8.274  11.825  1.00 0.00 ? 1  DA  B "C5'"  1 
ATOM   282 C  "C4'"  . DA  B 2 1 ? 0.364   -8.502  10.412  1.00 0.00 ? 1  DA  B "C4'"  1 
ATOM   283 O  "O4'"  . DA  B 2 1 ? -0.630  -9.058  9.584   1.00 0.00 ? 1  DA  B "O4'"  1 
ATOM   284 C  "C3'"  . DA  B 2 1 ? 0.887   -7.246  9.692   1.00 0.00 ? 1  DA  B "C3'"  1 
ATOM   285 O  "O3'"  . DA  B 2 1 ? 2.279   -7.364  9.512   1.00 0.00 ? 1  DA  B "O3'"  1 
ATOM   286 C  "C2'"  . DA  B 2 1 ? -0.012  -7.137  8.488   1.00 0.00 ? 1  DA  B "C2'"  1 
ATOM   287 C  "C1'"  . DA  B 2 1 ? -0.331  -8.601  8.291   1.00 0.00 ? 1  DA  B "C1'"  1 
ATOM   288 N  N9     . DA  B 2 1 ? -1.506  -8.729  7.452   1.00 0.00 ? 1  DA  B N9     1 
ATOM   289 C  C8     . DA  B 2 1 ? -2.559  -7.865  7.348   1.00 0.00 ? 1  DA  B C8     1 
ATOM   290 N  N7     . DA  B 2 1 ? -3.488  -8.250  6.520   1.00 0.00 ? 1  DA  B N7     1 
ATOM   291 C  C5     . DA  B 2 1 ? -2.982  -9.439  5.999   1.00 0.00 ? 1  DA  B C5     1 
ATOM   292 C  C6     . DA  B 2 1 ? -3.436  -10.330 5.000   1.00 0.00 ? 1  DA  B C6     1 
ATOM   293 N  N6     . DA  B 2 1 ? -4.611  -10.194 4.372   1.00 0.00 ? 1  DA  B N6     1 
ATOM   294 N  N1     . DA  B 2 1 ? -2.636  -11.333 4.646   1.00 0.00 ? 1  DA  B N1     1 
ATOM   295 C  C2     . DA  B 2 1 ? -1.456  -11.490 5.247   1.00 0.00 ? 1  DA  B C2     1 
ATOM   296 N  N3     . DA  B 2 1 ? -0.924  -10.751 6.217   1.00 0.00 ? 1  DA  B N3     1 
ATOM   297 C  C4     . DA  B 2 1 ? -1.753  -9.722  6.548   1.00 0.00 ? 1  DA  B C4     1 
ATOM   298 H  "H5'"  . DA  B 2 1 ? -0.846  -9.098  12.084  1.00 0.00 ? 1  DA  B "H5'"  1 
ATOM   299 H  "H5''" . DA  B 2 1 ? 0.647   -8.250  12.534  1.00 0.00 ? 1  DA  B "H5''" 1 
ATOM   300 H  "H4'"  . DA  B 2 1 ? 1.158   -9.244  10.466  1.00 0.00 ? 1  DA  B "H4'"  1 
ATOM   301 H  "H3'"  . DA  B 2 1 ? 0.623   -6.322  10.156  1.00 0.00 ? 1  DA  B "H3'"  1 
ATOM   302 H  "H2'"  . DA  B 2 1 ? -0.803  -6.540  8.929   1.00 0.00 ? 1  DA  B "H2'"  1 
ATOM   303 H  "H2''" . DA  B 2 1 ? 0.288   -6.639  7.571   1.00 0.00 ? 1  DA  B "H2''" 1 
ATOM   304 H  "H1'"  . DA  B 2 1 ? 0.567   -9.097  7.904   1.00 0.00 ? 1  DA  B "H1'"  1 
ATOM   305 H  H8     . DA  B 2 1 ? -2.547  -6.941  7.907   1.00 0.00 ? 1  DA  B H8     1 
ATOM   306 H  H61    . DA  B 2 1 ? -4.864  -10.841 3.637   1.00 0.00 ? 1  DA  B H61    1 
ATOM   307 H  H62    . DA  B 2 1 ? -5.235  -9.442  4.621   1.00 0.00 ? 1  DA  B H62    1 
ATOM   308 H  H2     . DA  B 2 1 ? -0.851  -12.313 4.901   1.00 0.00 ? 1  DA  B H2     1 
ATOM   309 H  "HO5'" . DA  B 2 1 ? -1.221  -6.839  11.030  1.00 0.00 ? 1  DA  B "HO5'" 1 
ATOM   310 P  P      . DG  B 2 2 ? 3.152   -6.299  8.692   1.00 0.00 ? 2  DG  B P      1 
ATOM   311 O  OP1    . DG  B 2 2 ? 4.490   -6.211  9.318   1.00 0.00 ? 2  DG  B OP1    1 
ATOM   312 O  OP2    . DG  B 2 2 ? 2.357   -5.075  8.451   1.00 0.00 ? 2  DG  B OP2    1 
ATOM   313 O  "O5'"  . DG  B 2 2 ? 3.283   -7.119  7.326   1.00 0.00 ? 2  DG  B "O5'"  1 
ATOM   314 C  "C5'"  . DG  B 2 2 ? 3.845   -8.414  7.339   1.00 0.00 ? 2  DG  B "C5'"  1 
ATOM   315 C  "C4'"  . DG  B 2 2 ? 4.378   -8.839  5.973   1.00 0.00 ? 2  DG  B "C4'"  1 
ATOM   316 O  "O4'"  . DG  B 2 2 ? 3.417   -9.708  5.415   1.00 0.00 ? 2  DG  B "O4'"  1 
ATOM   317 C  "C3'"  . DG  B 2 2 ? 4.688   -7.690  4.985   1.00 0.00 ? 2  DG  B "C3'"  1 
ATOM   318 O  "O3'"  . DG  B 2 2 ? 6.027   -7.706  4.509   1.00 0.00 ? 2  DG  B "O3'"  1 
ATOM   319 C  "C2'"  . DG  B 2 2 ? 3.703   -7.938  3.855   1.00 0.00 ? 2  DG  B "C2'"  1 
ATOM   320 C  "C1'"  . DG  B 2 2 ? 2.862   -9.124  4.271   1.00 0.00 ? 2  DG  B "C1'"  1 
ATOM   321 N  N9     . DG  B 2 2 ? 1.446   -8.776  4.360   1.00 0.00 ? 2  DG  B N9     1 
ATOM   322 C  C8     . DG  B 2 2 ? 0.807   -7.793  5.084   1.00 0.00 ? 2  DG  B C8     1 
ATOM   323 N  N7     . DG  B 2 2 ? -0.378  -7.495  4.620   1.00 0.00 ? 2  DG  B N7     1 
ATOM   324 C  C5     . DG  B 2 2 ? -0.562  -8.370  3.552   1.00 0.00 ? 2  DG  B C5     1 
ATOM   325 C  C6     . DG  B 2 2 ? -1.656  -8.514  2.629   1.00 0.00 ? 2  DG  B C6     1 
ATOM   326 O  O6     . DG  B 2 2 ? -2.696  -7.873  2.576   1.00 0.00 ? 2  DG  B O6     1 
ATOM   327 N  N1     . DG  B 2 2 ? -1.417  -9.533  1.694   1.00 0.00 ? 2  DG  B N1     1 
ATOM   328 C  C2     . DG  B 2 2 ? -0.288  -10.298 1.649   1.00 0.00 ? 2  DG  B C2     1 
ATOM   329 N  N2     . DG  B 2 2 ? -0.177  -11.201 0.665   1.00 0.00 ? 2  DG  B N2     1 
ATOM   330 N  N3     . DG  B 2 2 ? 0.718   -10.165 2.497   1.00 0.00 ? 2  DG  B N3     1 
ATOM   331 C  C4     . DG  B 2 2 ? 0.525   -9.187  3.430   1.00 0.00 ? 2  DG  B C4     1 
ATOM   332 H  "H5'"  . DG  B 2 2 ? 3.055   -9.109  7.633   1.00 0.00 ? 2  DG  B "H5'"  1 
ATOM   333 H  "H5''" . DG  B 2 2 ? 4.651   -8.496  8.068   1.00 0.00 ? 2  DG  B "H5''" 1 
ATOM   334 H  "H4'"  . DG  B 2 2 ? 5.271   -9.438  6.149   1.00 0.00 ? 2  DG  B "H4'"  1 
ATOM   335 H  "H3'"  . DG  B 2 2 ? 4.498   -6.694  5.390   1.00 0.00 ? 2  DG  B "H3'"  1 
ATOM   336 H  "H2'"  . DG  B 2 2 ? 3.123   -7.041  3.627   1.00 0.00 ? 2  DG  B "H2'"  1 
ATOM   337 H  "H2''" . DG  B 2 2 ? 4.206   -8.300  2.971   1.00 0.00 ? 2  DG  B "H2''" 1 
ATOM   338 H  "H1'"  . DG  B 2 2 ? 3.000   -9.859  3.482   1.00 0.00 ? 2  DG  B "H1'"  1 
ATOM   339 H  H8     . DG  B 2 2 ? 1.234   -7.282  5.945   1.00 0.00 ? 2  DG  B H8     1 
ATOM   340 H  H1     . DG  B 2 2 ? -2.135  -9.693  0.995   1.00 0.00 ? 2  DG  B H1     1 
ATOM   341 H  H21    . DG  B 2 2 ? -0.922  -11.308 -0.006  1.00 0.00 ? 2  DG  B H21    1 
ATOM   342 H  H22    . DG  B 2 2 ? 0.657   -11.765 0.585   1.00 0.00 ? 2  DG  B H22    1 
ATOM   343 P  P      . DG  B 2 3 ? 6.520   -6.678  3.352   1.00 0.00 ? 3  DG  B P      1 
ATOM   344 O  OP1    . DG  B 2 3 ? 7.998   -6.613  3.359   1.00 0.00 ? 3  DG  B OP1    1 
ATOM   345 O  OP2    . DG  B 2 3 ? 5.736   -5.427  3.472   1.00 0.00 ? 3  DG  B OP2    1 
ATOM   346 O  "O5'"  . DG  B 2 3 ? 6.047   -7.399  1.992   1.00 0.00 ? 3  DG  B "O5'"  1 
ATOM   347 C  "C5'"  . DG  B 2 3 ? 6.665   -8.548  1.432   1.00 0.00 ? 3  DG  B "C5'"  1 
ATOM   348 C  "C4'"  . DG  B 2 3 ? 6.302   -8.618  -0.064  1.00 0.00 ? 3  DG  B "C4'"  1 
ATOM   349 O  "O4'"  . DG  B 2 3 ? 4.990   -9.188  -0.203  1.00 0.00 ? 3  DG  B "O4'"  1 
ATOM   350 C  "C3'"  . DG  B 2 3 ? 6.330   -7.199  -0.669  1.00 0.00 ? 3  DG  B "C3'"  1 
ATOM   351 O  "O3'"  . DG  B 2 3 ? 7.226   -6.898  -1.735  1.00 0.00 ? 3  DG  B "O3'"  1 
ATOM   352 C  "C2'"  . DG  B 2 3 ? 4.903   -7.065  -1.125  1.00 0.00 ? 3  DG  B "C2'"  1 
ATOM   353 C  "C1'"  . DG  B 2 3 ? 4.143   -8.367  -0.995  1.00 0.00 ? 3  DG  B "C1'"  1 
ATOM   354 N  N9     . DG  B 2 3 ? 2.803   -8.133  -0.440  1.00 0.00 ? 3  DG  B N9     1 
ATOM   355 C  C8     . DG  B 2 3 ? 2.554   -7.543  0.756   1.00 0.00 ? 3  DG  B C8     1 
ATOM   356 N  N7     . DG  B 2 3 ? 1.336   -7.129  0.934   1.00 0.00 ? 3  DG  B N7     1 
ATOM   357 C  C5     . DG  B 2 3 ? 0.693   -7.522  -0.230  1.00 0.00 ? 3  DG  B C5     1 
ATOM   358 C  C6     . DG  B 2 3 ? -0.662  -7.319  -0.627  1.00 0.00 ? 3  DG  B C6     1 
ATOM   359 O  O6     . DG  B 2 3 ? -1.527  -6.677  -0.035  1.00 0.00 ? 3  DG  B O6     1 
ATOM   360 N  N1     . DG  B 2 3 ? -0.966  -7.938  -1.838  1.00 0.00 ? 3  DG  B N1     1 
ATOM   361 C  C2     . DG  B 2 3 ? -0.046  -8.593  -2.613  1.00 0.00 ? 3  DG  B C2     1 
ATOM   362 N  N2     . DG  B 2 3 ? -0.529  -9.140  -3.740  1.00 0.00 ? 3  DG  B N2     1 
ATOM   363 N  N3     . DG  B 2 3 ? 1.245   -8.714  -2.291  1.00 0.00 ? 3  DG  B N3     1 
ATOM   364 C  C4     . DG  B 2 3 ? 1.570   -8.172  -1.076  1.00 0.00 ? 3  DG  B C4     1 
ATOM   365 H  "H5'"  . DG  B 2 3 ? 6.286   -9.436  1.940   1.00 0.00 ? 3  DG  B "H5'"  1 
ATOM   366 H  "H5''" . DG  B 2 3 ? 7.747   -8.506  1.543   1.00 0.00 ? 3  DG  B "H5''" 1 
ATOM   367 H  "H4'"  . DG  B 2 3 ? 7.023   -9.253  -0.582  1.00 0.00 ? 3  DG  B "H4'"  1 
ATOM   368 H  "H3'"  . DG  B 2 3 ? 6.545   -6.420  0.056   1.00 0.00 ? 3  DG  B "H3'"  1 
ATOM   369 H  "H2'"  . DG  B 2 3 ? 4.436   -6.287  -0.537  1.00 0.00 ? 3  DG  B "H2'"  1 
ATOM   370 H  "H2''" . DG  B 2 3 ? 5.004   -6.899  -2.177  1.00 0.00 ? 3  DG  B "H2''" 1 
ATOM   371 H  "H1'"  . DG  B 2 3 ? 3.962   -8.724  -1.989  1.00 0.00 ? 3  DG  B "H1'"  1 
ATOM   372 H  H8     . DG  B 2 3 ? 3.369   -7.394  1.424   1.00 0.00 ? 3  DG  B H8     1 
ATOM   373 H  H1     . DG  B 2 3 ? -1.927  -7.886  -2.156  1.00 0.00 ? 3  DG  B H1     1 
ATOM   374 H  H21    . DG  B 2 3 ? -1.517  -9.064  -3.951  1.00 0.00 ? 3  DG  B H21    1 
ATOM   375 H  H22    . DG  B 2 3 ? 0.081   -9.655  -4.360  1.00 0.00 ? 3  DG  B H22    1 
ATOM   376 P  P      . DC  B 2 4 ? 7.277   -5.385  -2.391  1.00 0.00 ? 4  DC  B P      1 
ATOM   377 O  OP1    . DC  B 2 4 ? 8.628   -5.198  -2.958  1.00 0.00 ? 4  DC  B OP1    1 
ATOM   378 O  OP2    . DC  B 2 4 ? 6.770   -4.416  -1.391  1.00 0.00 ? 4  DC  B OP2    1 
ATOM   379 O  "O5'"  . DC  B 2 4 ? 6.239   -5.420  -3.603  1.00 0.00 ? 4  DC  B "O5'"  1 
ATOM   380 C  "C5'"  . DC  B 2 4 ? 6.333   -6.206  -4.763  1.00 0.00 ? 4  DC  B "C5'"  1 
ATOM   381 C  "C4'"  . DC  B 2 4 ? 5.205   -5.746  -5.734  1.00 0.00 ? 4  DC  B "C4'"  1 
ATOM   382 O  "O4'"  . DC  B 2 4 ? 3.992   -6.312  -5.264  1.00 0.00 ? 4  DC  B "O4'"  1 
ATOM   383 C  "C3'"  . DC  B 2 4 ? 4.987   -4.238  -5.912  1.00 0.00 ? 4  DC  B "C3'"  1 
ATOM   384 O  "O3'"  . DC  B 2 4 ? 5.574   -3.657  -6.927  1.00 0.00 ? 4  DC  B "O3'"  1 
ATOM   385 C  "C2'"  . DC  B 2 4 ? 3.488   -4.019  -5.756  1.00 0.00 ? 4  DC  B "C2'"  1 
ATOM   386 C  "C1'"  . DC  B 2 4 ? 2.918   -5.391  -5.381  1.00 0.00 ? 4  DC  B "C1'"  1 
ATOM   387 N  N1     . DC  B 2 4 ? 2.334   -5.222  -4.026  1.00 0.00 ? 4  DC  B N1     1 
ATOM   388 C  C2     . DC  B 2 4 ? 0.955   -5.248  -3.893  1.00 0.00 ? 4  DC  B C2     1 
ATOM   389 O  O2     . DC  B 2 4 ? 0.240   -5.628  -4.817  1.00 0.00 ? 4  DC  B O2     1 
ATOM   390 N  N3     . DC  B 2 4 ? 0.444   -4.834  -2.696  1.00 0.00 ? 4  DC  B N3     1 
ATOM   391 C  C4     . DC  B 2 4 ? 1.218   -4.431  -1.691  1.00 0.00 ? 4  DC  B C4     1 
ATOM   392 N  N4     . DC  B 2 4 ? 0.689   -4.044  -0.532  1.00 0.00 ? 4  DC  B N4     1 
ATOM   393 C  C5     . DC  B 2 4 ? 2.638   -4.499  -1.789  1.00 0.00 ? 4  DC  B C5     1 
ATOM   394 C  C6     . DC  B 2 4 ? 3.114   -4.902  -2.974  1.00 0.00 ? 4  DC  B C6     1 
ATOM   395 H  "H5'"  . DC  B 2 4 ? 6.293   -7.268  -4.532  1.00 0.00 ? 4  DC  B "H5'"  1 
ATOM   396 H  "H5''" . DC  B 2 4 ? 7.294   -5.973  -5.219  1.00 0.00 ? 4  DC  B "H5''" 1 
ATOM   397 H  "H4'"  . DC  B 2 4 ? 5.448   -6.194  -6.700  1.00 0.00 ? 4  DC  B "H4'"  1 
ATOM   398 H  "H3'"  . DC  B 2 4 ? 5.465   -3.670  -5.120  1.00 0.00 ? 4  DC  B "H3'"  1 
ATOM   399 H  "H2'"  . DC  B 2 4 ? 3.326   -3.252  -4.995  1.00 0.00 ? 4  DC  B "H2'"  1 
ATOM   400 H  "H2''" . DC  B 2 4 ? 3.008   -3.690  -6.670  1.00 0.00 ? 4  DC  B "H2''" 1 
ATOM   401 H  "H1'"  . DC  B 2 4 ? 2.276   -5.650  -6.225  1.00 0.00 ? 4  DC  B "H1'"  1 
ATOM   402 H  H41    . DC  B 2 4 ? -0.306  -4.124  -0.394  1.00 0.00 ? 4  DC  B H41    1 
ATOM   403 H  H42    . DC  B 2 4 ? 1.291   -3.735  0.216   1.00 0.00 ? 4  DC  B H42    1 
ATOM   404 H  H5     . DC  B 2 4 ? 3.335   -4.346  -0.984  1.00 0.00 ? 4  DC  B H5     1 
ATOM   405 H  H6     . DC  B 2 4 ? 4.133   -5.008  -3.132  1.00 0.00 ? 4  DC  B H6     1 
ATOM   406 P  P      . DC  B 2 5 ? 5.900   -2.095  -6.833  1.00 0.00 ? 5  DC  B P      1 
ATOM   407 O  OP1    . DC  B 2 5 ? 6.432   -1.641  -8.136  1.00 0.00 ? 5  DC  B OP1    1 
ATOM   408 O  OP2    . DC  B 2 5 ? 6.676   -1.862  -5.594  1.00 0.00 ? 5  DC  B OP2    1 
ATOM   409 O  "O5'"  . DC  B 2 5 ? 4.435   -1.478  -6.606  1.00 0.00 ? 5  DC  B "O5'"  1 
ATOM   410 C  "C5'"  . DC  B 2 5 ? 3.560   -1.172  -7.665  1.00 0.00 ? 5  DC  B "C5'"  1 
ATOM   411 C  "C4'"  . DC  B 2 5 ? 3.027   0.203   -7.366  1.00 0.00 ? 5  DC  B "C4'"  1 
ATOM   412 O  "O4'"  . DC  B 2 5 ? 2.130   0.262   -6.294  1.00 0.00 ? 5  DC  B "O4'"  1 
ATOM   413 C  "C3'"  . DC  B 2 5 ? 4.196   1.133   -7.067  1.00 0.00 ? 5  DC  B "C3'"  1 
ATOM   414 O  "O3'"  . DC  B 2 5 ? 3.938   2.269   -7.785  1.00 0.00 ? 5  DC  B "O3'"  1 
ATOM   415 C  "C2'"  . DC  B 2 5 ? 4.109   1.473   -5.604  1.00 0.00 ? 5  DC  B "C2'"  1 
ATOM   416 C  "C1'"  . DC  B 2 5 ? 2.599   1.245   -5.396  1.00 0.00 ? 5  DC  B "C1'"  1 
ATOM   417 N  N1     . DC  B 2 5 ? 2.294   0.771   -4.086  1.00 0.00 ? 5  DC  B N1     1 
ATOM   418 C  C2     . DC  B 2 5 ? 1.200   1.280   -3.380  1.00 0.00 ? 5  DC  B C2     1 
ATOM   419 O  O2     . DC  B 2 5 ? 0.518   2.196   -3.837  1.00 0.00 ? 5  DC  B O2     1 
ATOM   420 N  N3     . DC  B 2 5 ? 0.906   0.737   -2.162  1.00 0.00 ? 5  DC  B N3     1 
ATOM   421 C  C4     . DC  B 2 5 ? 1.646   -0.232  -1.636  1.00 0.00 ? 5  DC  B C4     1 
ATOM   422 N  N4     . DC  B 2 5 ? 1.304   -0.731  -0.443  1.00 0.00 ? 5  DC  B N4     1 
ATOM   423 C  C5     . DC  B 2 5 ? 2.808   -0.738  -2.323  1.00 0.00 ? 5  DC  B C5     1 
ATOM   424 C  C6     . DC  B 2 5 ? 3.081   -0.210  -3.541  1.00 0.00 ? 5  DC  B C6     1 
ATOM   425 H  "H5'"  . DC  B 2 5 ? 2.717   -1.853  -7.732  1.00 0.00 ? 5  DC  B "H5'"  1 
ATOM   426 H  "H5''" . DC  B 2 5 ? 4.070   -1.121  -8.628  1.00 0.00 ? 5  DC  B "H5''" 1 
ATOM   427 H  "H4'"  . DC  B 2 5 ? 2.462   0.432   -8.246  1.00 0.00 ? 5  DC  B "H4'"  1 
ATOM   428 H  "H3'"  . DC  B 2 5 ? 5.141   0.653   -7.236  1.00 0.00 ? 5  DC  B "H3'"  1 
ATOM   429 H  "H2'"  . DC  B 2 5 ? 4.877   0.948   -5.042  1.00 0.00 ? 5  DC  B "H2'"  1 
ATOM   430 H  "H2''" . DC  B 2 5 ? 4.404   2.480   -5.397  1.00 0.00 ? 5  DC  B "H2''" 1 
ATOM   431 H  "H1'"  . DC  B 2 5 ? 2.089   2.171   -5.589  1.00 0.00 ? 5  DC  B "H1'"  1 
ATOM   432 H  H41    . DC  B 2 5 ? 0.498   -0.365  0.047   1.00 0.00 ? 5  DC  B H41    1 
ATOM   433 H  H42    . DC  B 2 5 ? 1.858   -1.468  -0.030  1.00 0.00 ? 5  DC  B H42    1 
ATOM   434 H  H5     . DC  B 2 5 ? 3.481   -1.473  -1.915  1.00 0.00 ? 5  DC  B H5     1 
ATOM   435 H  H6     . DC  B 2 5 ? 3.935   -0.544  -4.103  1.00 0.00 ? 5  DC  B H6     1 
ATOM   436 P  P      . DG  B 2 6 ? 5.087   3.201   -8.422  1.00 0.00 ? 6  DG  B P      1 
ATOM   437 O  OP1    . DG  B 2 6 ? 5.550   2.584   -9.685  1.00 0.00 ? 6  DG  B OP1    1 
ATOM   438 O  OP2    . DG  B 2 6 ? 6.062   3.548   -7.364  1.00 0.00 ? 6  DG  B OP2    1 
ATOM   439 O  "O5'"  . DG  B 2 6 ? 4.219   4.516   -8.770  1.00 0.00 ? 6  DG  B "O5'"  1 
ATOM   440 C  "C5'"  . DG  B 2 6 ? 3.179   4.488   -9.733  1.00 0.00 ? 6  DG  B "C5'"  1 
ATOM   441 C  "C4'"  . DG  B 2 6 ? 2.124   5.555   -9.420  1.00 0.00 ? 6  DG  B "C4'"  1 
ATOM   442 O  "O4'"  . DG  B 2 6 ? 1.581   5.335   -8.129  1.00 0.00 ? 6  DG  B "O4'"  1 
ATOM   443 C  "C3'"  . DG  B 2 6 ? 2.671   6.984   -9.465  1.00 0.00 ? 6  DG  B "C3'"  1 
ATOM   444 O  "O3'"  . DG  B 2 6 ? 1.666   7.821   -10.017 1.00 0.00 ? 6  DG  B "O3'"  1 
ATOM   445 C  "C2'"  . DG  B 2 6 ? 2.977   7.258   -7.991  1.00 0.00 ? 6  DG  B "C2'"  1 
ATOM   446 C  "C1'"  . DG  B 2 6 ? 1.923   6.412   -7.273  1.00 0.00 ? 6  DG  B "C1'"  1 
ATOM   447 N  N9     . DG  B 2 6 ? 2.371   5.877   -5.977  1.00 0.00 ? 6  DG  B N9     1 
ATOM   448 C  C8     . DG  B 2 6 ? 3.572   5.304   -5.638  1.00 0.00 ? 6  DG  B C8     1 
ATOM   449 N  N7     . DG  B 2 6 ? 3.613   4.811   -4.432  1.00 0.00 ? 6  DG  B N7     1 
ATOM   450 C  C5     . DG  B 2 6 ? 2.349   5.067   -3.919  1.00 0.00 ? 6  DG  B C5     1 
ATOM   451 C  C6     . DG  B 2 6 ? 1.778   4.739   -2.646  1.00 0.00 ? 6  DG  B C6     1 
ATOM   452 O  O6     . DG  B 2 6 ? 2.284   4.097   -1.726  1.00 0.00 ? 6  DG  B O6     1 
ATOM   453 N  N1     . DG  B 2 6 ? 0.481   5.241   -2.507  1.00 0.00 ? 6  DG  B N1     1 
ATOM   454 C  C2     . DG  B 2 6 ? -0.171  5.970   -3.467  1.00 0.00 ? 6  DG  B C2     1 
ATOM   455 N  N2     . DG  B 2 6 ? -1.373  6.461   -3.148  1.00 0.00 ? 6  DG  B N2     1 
ATOM   456 N  N3     . DG  B 2 6 ? 0.336   6.236   -4.665  1.00 0.00 ? 6  DG  B N3     1 
ATOM   457 C  C4     . DG  B 2 6 ? 1.599   5.760   -4.844  1.00 0.00 ? 6  DG  B C4     1 
ATOM   458 H  "H5'"  . DG  B 2 6 ? 2.686   3.515   -9.749  1.00 0.00 ? 6  DG  B "H5'"  1 
ATOM   459 H  "H5''" . DG  B 2 6 ? 3.602   4.677   -10.720 1.00 0.00 ? 6  DG  B "H5''" 1 
ATOM   460 H  "H4'"  . DG  B 2 6 ? 1.317   5.448   -10.147 1.00 0.00 ? 6  DG  B "H4'"  1 
ATOM   461 H  "H3'"  . DG  B 2 6 ? 3.578   7.037   -10.067 1.00 0.00 ? 6  DG  B "H3'"  1 
ATOM   462 H  "H2'"  . DG  B 2 6 ? 3.993   6.936   -7.767  1.00 0.00 ? 6  DG  B "H2'"  1 
ATOM   463 H  "H2''" . DG  B 2 6 ? 2.875   8.305   -7.721  1.00 0.00 ? 6  DG  B "H2''" 1 
ATOM   464 H  "H1'"  . DG  B 2 6 ? 1.035   7.030   -7.137  1.00 0.00 ? 6  DG  B "H1'"  1 
ATOM   465 H  H8     . DG  B 2 6 ? 4.413   5.256   -6.311  1.00 0.00 ? 6  DG  B H8     1 
ATOM   466 H  H1     . DG  B 2 6 ? 0.001   5.040   -1.636  1.00 0.00 ? 6  DG  B H1     1 
ATOM   467 H  H21    . DG  B 2 6 ? -1.761  6.281   -2.234  1.00 0.00 ? 6  DG  B H21    1 
ATOM   468 H  H22    . DG  B 2 6 ? -1.887  7.023   -3.811  1.00 0.00 ? 6  DG  B H22    1 
ATOM   469 P  P      . DG  B 2 7 ? 1.874   9.406   -10.248 1.00 0.00 ? 7  DG  B P      1 
ATOM   470 O  OP1    . DG  B 2 7 ? 0.899   9.861   -11.265 1.00 0.00 ? 7  DG  B OP1    1 
ATOM   471 O  OP2    . DG  B 2 7 ? 3.316   9.675   -10.438 1.00 0.00 ? 7  DG  B OP2    1 
ATOM   472 O  "O5'"  . DG  B 2 7 ? 1.433   10.012  -8.830  1.00 0.00 ? 7  DG  B "O5'"  1 
ATOM   473 C  "C5'"  . DG  B 2 7 ? 0.084   9.990   -8.410  1.00 0.00 ? 7  DG  B "C5'"  1 
ATOM   474 C  "C4'"  . DG  B 2 7 ? -0.014  10.652  -7.046  1.00 0.00 ? 7  DG  B "C4'"  1 
ATOM   475 O  "O4'"  . DG  B 2 7 ? 0.526   9.819   -6.045  1.00 0.00 ? 7  DG  B "O4'"  1 
ATOM   476 C  "C3'"  . DG  B 2 7 ? 0.682   12.019  -7.005  1.00 0.00 ? 7  DG  B "C3'"  1 
ATOM   477 O  "O3'"  . DG  B 2 7 ? -0.325  12.940  -6.626  1.00 0.00 ? 7  DG  B "O3'"  1 
ATOM   478 C  "C2'"  . DG  B 2 7 ? 1.801   11.748  -6.003  1.00 0.00 ? 7  DG  B "C2'"  1 
ATOM   479 C  "C1'"  . DG  B 2 7 ? 1.221   10.640  -5.140  1.00 0.00 ? 7  DG  B "C1'"  1 
ATOM   480 N  N9     . DG  B 2 7 ? 2.206   9.791   -4.474  1.00 0.00 ? 7  DG  B N9     1 
ATOM   481 C  C8     . DG  B 2 7 ? 3.384   9.301   -4.967  1.00 0.00 ? 7  DG  B C8     1 
ATOM   482 N  N7     . DG  B 2 7 ? 4.000   8.475   -4.169  1.00 0.00 ? 7  DG  B N7     1 
ATOM   483 C  C5     . DG  B 2 7 ? 3.146   8.369   -3.076  1.00 0.00 ? 7  DG  B C5     1 
ATOM   484 C  C6     . DG  B 2 7 ? 3.240   7.573   -1.889  1.00 0.00 ? 7  DG  B C6     1 
ATOM   485 O  O6     . DG  B 2 7 ? 4.160   6.839   -1.534  1.00 0.00 ? 7  DG  B O6     1 
ATOM   486 N  N1     . DG  B 2 7 ? 2.101   7.693   -1.085  1.00 0.00 ? 7  DG  B N1     1 
ATOM   487 C  C2     . DG  B 2 7 ? 1.019   8.477   -1.386  1.00 0.00 ? 7  DG  B C2     1 
ATOM   488 N  N2     . DG  B 2 7 ? -0.014  8.449   -0.539  1.00 0.00 ? 7  DG  B N2     1 
ATOM   489 N  N3     . DG  B 2 7 ? 0.935   9.232   -2.472  1.00 0.00 ? 7  DG  B N3     1 
ATOM   490 C  C4     . DG  B 2 7 ? 2.024   9.142   -3.282  1.00 0.00 ? 7  DG  B C4     1 
ATOM   491 H  "H5'"  . DG  B 2 7 ? -0.273  8.963   -8.335  1.00 0.00 ? 7  DG  B "H5'"  1 
ATOM   492 H  "H5''" . DG  B 2 7 ? -0.541  10.546  -9.109  1.00 0.00 ? 7  DG  B "H5''" 1 
ATOM   493 H  "H4'"  . DG  B 2 7 ? -1.060  10.757  -6.787  1.00 0.00 ? 7  DG  B "H4'"  1 
ATOM   494 H  "H3'"  . DG  B 2 7 ? 1.101   12.323  -7.963  1.00 0.00 ? 7  DG  B "H3'"  1 
ATOM   495 H  "H2'"  . DG  B 2 7 ? 2.663   11.364  -6.524  1.00 0.00 ? 7  DG  B "H2'"  1 
ATOM   496 H  "H2''" . DG  B 2 7 ? 2.089   12.626  -5.447  1.00 0.00 ? 7  DG  B "H2''" 1 
ATOM   497 H  "H1'"  . DG  B 2 7 ? 0.565   11.119  -4.426  1.00 0.00 ? 7  DG  B "H1'"  1 
ATOM   498 H  H8     . DG  B 2 7 ? 3.731   9.586   -5.946  1.00 0.00 ? 7  DG  B H8     1 
ATOM   499 H  H1     . DG  B 2 7 ? 2.087   7.158   -0.225  1.00 0.00 ? 7  DG  B H1     1 
ATOM   500 H  H21    . DG  B 2 7 ? 0.016   7.837   0.263   1.00 0.00 ? 7  DG  B H21    1 
ATOM   501 H  H22    . DG  B 2 7 ? -0.820  9.036   -0.694  1.00 0.00 ? 7  DG  B H22    1 
ATOM   502 P  P      . DA  B 2 8 ? -0.070  14.477  -6.227  1.00 0.00 ? 8  DA  B P      1 
ATOM   503 O  OP1    . DA  B 2 8 ? -1.136  15.307  -6.829  1.00 0.00 ? 8  DA  B OP1    1 
ATOM   504 O  OP2    . DA  B 2 8 ? 1.353   14.828  -6.437  1.00 0.00 ? 8  DA  B OP2    1 
ATOM   505 O  "O5'"  . DA  B 2 8 ? -0.342  14.353  -4.654  1.00 0.00 ? 8  DA  B "O5'"  1 
ATOM   506 C  "C5'"  . DA  B 2 8 ? -1.594  13.927  -4.141  1.00 0.00 ? 8  DA  B "C5'"  1 
ATOM   507 C  "C4'"  . DA  B 2 8 ? -1.527  13.993  -2.618  1.00 0.00 ? 8  DA  B "C4'"  1 
ATOM   508 O  "O4'"  . DA  B 2 8 ? -0.666  12.965  -2.155  1.00 0.00 ? 8  DA  B "O4'"  1 
ATOM   509 C  "C3'"  . DA  B 2 8 ? -0.997  15.361  -2.167  1.00 0.00 ? 8  DA  B "C3'"  1 
ATOM   510 O  "O3'"  . DA  B 2 8 ? -1.773  15.871  -1.102  1.00 0.00 ? 8  DA  B "O3'"  1 
ATOM   511 C  "C2'"  . DA  B 2 8 ? 0.429   14.992  -1.799  1.00 0.00 ? 8  DA  B "C2'"  1 
ATOM   512 C  "C1'"  . DA  B 2 8 ? 0.301   13.544  -1.311  1.00 0.00 ? 8  DA  B "C1'"  1 
ATOM   513 N  N9     . DA  B 2 8 ? 1.549   12.791  -1.386  1.00 0.00 ? 8  DA  B N9     1 
ATOM   514 C  C8     . DA  B 2 8 ? 2.503   12.892  -2.344  1.00 0.00 ? 8  DA  B C8     1 
ATOM   515 N  N7     . DA  B 2 8 ? 3.519   12.094  -2.215  1.00 0.00 ? 8  DA  B N7     1 
ATOM   516 C  C5     . DA  B 2 8 ? 3.231   11.423  -1.037  1.00 0.00 ? 8  DA  B C5     1 
ATOM   517 C  C6     . DA  B 2 8 ? 3.947   10.462  -0.296  1.00 0.00 ? 8  DA  B C6     1 
ATOM   518 N  N6     . DA  B 2 8 ? 5.127   9.972   -0.700  1.00 0.00 ? 8  DA  B N6     1 
ATOM   519 N  N1     . DA  B 2 8 ? 3.438   10.068  0.867   1.00 0.00 ? 8  DA  B N1     1 
ATOM   520 C  C2     . DA  B 2 8 ? 2.276   10.571  1.289   1.00 0.00 ? 8  DA  B C2     1 
ATOM   521 N  N3     . DA  B 2 8 ? 1.492   11.462  0.683   1.00 0.00 ? 8  DA  B N3     1 
ATOM   522 C  C4     . DA  B 2 8 ? 2.037   11.861  -0.502  1.00 0.00 ? 8  DA  B C4     1 
ATOM   523 H  "H5'"  . DA  B 2 8 ? -1.795  12.898  -4.441  1.00 0.00 ? 8  DA  B "H5'"  1 
ATOM   524 H  "H5''" . DA  B 2 8 ? -2.404  14.570  -4.492  1.00 0.00 ? 8  DA  B "H5''" 1 
ATOM   525 H  "H4'"  . DA  B 2 8 ? -2.507  13.816  -2.192  1.00 0.00 ? 8  DA  B "H4'"  1 
ATOM   526 H  "H3'"  . DA  B 2 8 ? -0.995  16.091  -2.978  1.00 0.00 ? 8  DA  B "H3'"  1 
ATOM   527 H  "H2'"  . DA  B 2 8 ? 1.012   15.152  -2.696  1.00 0.00 ? 8  DA  B "H2'"  1 
ATOM   528 H  "H2''" . DA  B 2 8 ? 0.863   15.623  -1.058  1.00 0.00 ? 8  DA  B "H2''" 1 
ATOM   529 H  "H1'"  . DA  B 2 8 ? -0.041  13.524  -0.286  1.00 0.00 ? 8  DA  B "H1'"  1 
ATOM   530 H  H8     . DA  B 2 8 ? 2.375   13.618  -3.105  1.00 0.00 ? 8  DA  B H8     1 
ATOM   531 H  H61    . DA  B 2 8 ? 5.634   9.323   -0.113  1.00 0.00 ? 8  DA  B H61    1 
ATOM   532 H  H62    . DA  B 2 8 ? 5.506   10.244  -1.594  1.00 0.00 ? 8  DA  B H62    1 
ATOM   533 H  H2     . DA  B 2 8 ? 1.935   10.217  2.252   1.00 0.00 ? 8  DA  B H2     1 
ATOM   534 P  P      . DG  B 2 9 ? -1.397  17.236  -0.318  1.00 0.00 ? 9  DG  B P      1 
ATOM   535 O  OP1    . DG  B 2 9 ? -2.637  18.007  -0.082  1.00 0.00 ? 9  DG  B OP1    1 
ATOM   536 O  OP2    . DG  B 2 9 ? -0.237  17.885  -0.971  1.00 0.00 ? 9  DG  B OP2    1 
ATOM   537 O  "O5'"  . DG  B 2 9 ? -0.903  16.628  1.081   1.00 0.00 ? 9  DG  B "O5'"  1 
ATOM   538 C  "C5'"  . DG  B 2 9 ? -1.774  15.877  1.902   1.00 0.00 ? 9  DG  B "C5'"  1 
ATOM   539 C  "C4'"  . DG  B 2 9 ? -1.041  15.495  3.186   1.00 0.00 ? 9  DG  B "C4'"  1 
ATOM   540 O  "O4'"  . DG  B 2 9 ? 0.014   14.616  2.874   1.00 0.00 ? 9  DG  B "O4'"  1 
ATOM   541 C  "C3'"  . DG  B 2 9 ? -0.437  16.687  3.936   1.00 0.00 ? 9  DG  B "C3'"  1 
ATOM   542 O  "O3'"  . DG  B 2 9 ? -0.477  16.494  5.334   1.00 0.00 ? 9  DG  B "O3'"  1 
ATOM   543 C  "C2'"  . DG  B 2 9 ? 0.994   16.711  3.449   1.00 0.00 ? 9  DG  B "C2'"  1 
ATOM   544 C  "C1'"  . DG  B 2 9 ? 1.207   15.227  3.304   1.00 0.00 ? 9  DG  B "C1'"  1 
ATOM   545 N  N9     . DG  B 2 9 ? 2.313   14.845  2.447   1.00 0.00 ? 9  DG  B N9     1 
ATOM   546 C  C8     . DG  B 2 9 ? 2.646   15.432  1.282   1.00 0.00 ? 9  DG  B C8     1 
ATOM   547 N  N7     . DG  B 2 9 ? 3.659   14.899  0.657   1.00 0.00 ? 9  DG  B N7     1 
ATOM   548 C  C5     . DG  B 2 9 ? 4.057   13.882  1.524   1.00 0.00 ? 9  DG  B C5     1 
ATOM   549 C  C6     . DG  B 2 9 ? 5.172   12.986  1.464   1.00 0.00 ? 9  DG  B C6     1 
ATOM   550 O  O6     . DG  B 2 9 ? 5.988   12.841  0.558   1.00 0.00 ? 9  DG  B O6     1 
ATOM   551 N  N1     . DG  B 2 9 ? 5.291   12.216  2.625   1.00 0.00 ? 9  DG  B N1     1 
ATOM   552 C  C2     . DG  B 2 9 ? 4.423   12.274  3.681   1.00 0.00 ? 9  DG  B C2     1 
ATOM   553 N  N2     . DG  B 2 9 ? 4.687   11.512  4.745   1.00 0.00 ? 9  DG  B N2     1 
ATOM   554 N  N3     . DG  B 2 9 ? 3.371   13.074  3.734   1.00 0.00 ? 9  DG  B N3     1 
ATOM   555 C  C4     . DG  B 2 9 ? 3.243   13.864  2.636   1.00 0.00 ? 9  DG  B C4     1 
ATOM   556 H  "H5'"  . DG  B 2 9 ? -2.074  14.962  1.387   1.00 0.00 ? 9  DG  B "H5'"  1 
ATOM   557 H  "H5''" . DG  B 2 9 ? -2.666  16.453  2.149   1.00 0.00 ? 9  DG  B "H5''" 1 
ATOM   558 H  "H4'"  . DG  B 2 9 ? -1.719  14.961  3.831   1.00 0.00 ? 9  DG  B "H4'"  1 
ATOM   559 H  "H3'"  . DG  B 2 9 ? -0.891  17.622  3.691   1.00 0.00 ? 9  DG  B "H3'"  1 
ATOM   560 H  "HO3'" . DG  B 2 9 ? -1.454  16.534  5.659   1.00 0.00 ? 9  DG  B "HO3'" 1 
ATOM   561 H  "H2'"  . DG  B 2 9 ? 1.108   17.193  2.504   1.00 0.00 ? 9  DG  B "H2'"  1 
ATOM   562 H  "H2''" . DG  B 2 9 ? 1.651   17.172  4.183   1.00 0.00 ? 9  DG  B "H2''" 1 
ATOM   563 H  "H1'"  . DG  B 2 9 ? 1.397   15.056  4.320   1.00 0.00 ? 9  DG  B "H1'"  1 
ATOM   564 H  H8     . DG  B 2 9 ? 2.052   16.284  1.039   1.00 0.00 ? 9  DG  B H8     1 
ATOM   565 H  H1     . DG  B 2 9 ? 6.078   11.579  2.671   1.00 0.00 ? 9  DG  B H1     1 
ATOM   566 H  H21    . DG  B 2 9 ? 5.496   10.911  4.752   1.00 0.00 ? 9  DG  B H21    1 
ATOM   567 H  H22    . DG  B 2 9 ? 4.086   11.565  5.554   1.00 0.00 ? 9  DG  B H22    1 
HETATM 568 PT PT1    . CPT C 3 . ? -4.407  -1.718  1.190   1.00 0.00 ? 10 CPT A PT1    1 
HETATM 569 N  N1     . CPT C 3 . ? -4.404  -3.453  2.244   1.00 0.00 ? 10 CPT A N1     1 
HETATM 570 N  N2     . CPT C 3 . ? -3.902  -0.685  2.863   1.00 0.00 ? 10 CPT A N2     1 
HETATM 571 H  H11    . CPT C 3 . ? -4.558  -3.253  3.221   1.00 0.00 ? 10 CPT A H11    1 
HETATM 572 H  H12    . CPT C 3 . ? -3.515  -3.917  2.127   1.00 0.00 ? 10 CPT A H12    1 
HETATM 573 H  H21    . CPT C 3 . ? -3.453  0.181   2.602   1.00 0.00 ? 10 CPT A H21    1 
HETATM 574 H  H22    . CPT C 3 . ? -3.270  -1.238  3.426   1.00 0.00 ? 10 CPT A H22    1 
HETATM 575 H  H13    . CPT C 3 . ? -5.144  -4.052  1.903   1.00 0.00 ? 10 CPT A H13    1 
HETATM 576 H  H23    . CPT C 3 . ? -4.737  -0.484  3.394   1.00 0.00 ? 10 CPT A H23    1 
# 
